data_8Q1H
#
_entry.id   8Q1H
#
_cell.length_a   118.061
_cell.length_b   179.354
_cell.length_c   233.055
_cell.angle_alpha   90.00
_cell.angle_beta   90.00
_cell.angle_gamma   90.00
#
_symmetry.space_group_name_H-M   'I 2 2 2'
#
loop_
_entity.id
_entity.type
_entity.pdbx_description
1 polymer 'Lysine-specific histone demethylase 1A'
2 polymer 'REST corepressor 1'
3 polymer 'Histone H3.3C'
4 non-polymer 'FLAVIN-ADENINE DINUCLEOTIDE'
#
loop_
_entity_poly.entity_id
_entity_poly.type
_entity_poly.pdbx_seq_one_letter_code
_entity_poly.pdbx_strand_id
1 'polypeptide(L)'
;MDESLANLSEDEYYSEEERNAKAEKEKKLPPPPPQAPPEEENESEPEEPSGVEGAAFQSRLPHDRMTSQEAACFPDIISG
PQQTQKVFLFIRNRTLQLWLDNPKIQLTFEATLQQLEAPYNSDTVLVHRVHSYLERHGLINFGIYKRIKPLPTKKTGKVI
IIGSGVSGLAAARQLQSFGMDVTLLEARDRVGGRVATFRKGNYVADLGAMVVTGLGGNPMAVVSKQVNMELAKIKQKCPL
YEANGQAVPKEKDEMVEQEFNRLLEATSKLSHQLDFNVLNNKPVSLGQALEVVIQLQEKHVKDEQIEHWKKIVKTQEELK
ELLNKMVNLKEKIKELHQQYKEASEVKPPRDITAEFLVKSKHRDLTALCKEYDELAETQGKLEEKLQELEANPPSDVYLS
SRDRQILDWHFANLEFANATPLSTLSLKHWDQDDDFEFTGSHLTVRNGYSCVPVALAEGLDIKLNTAVRQVRYTASGCEV
IAVNTRSTSQTFIYKCDAVLCTLPLGVLKQQPPAVQFVPPLPEWKTSAVQRMGFGNLNKVVLCFDRVFWDPSVNLFGHVG
STTASRGELFLFWNLYKAPILLALVAGEAAGIMENISDDVIVGRCLAILKGIFGSSAVPQPKETVVSRWRADPWARGSYS
YVAAGSSGNDYDLMAQPITPGPSIPGAPQPIPRLFFAGEHTIRNYPATVHGALLSGLREAGRIADQFLGAMYTLPRQATP
GVPAQQSPSM
;
A
2 'polypeptide(L)'
;RAKRKPPKGMFLSQEDVEAVSANATAATTVLRQLDMELVSVKRQIQNIKQTNSALKEKLDGGIEPYRLPEVIQKCNARWT
TEEQLLAVQAIRKYGRDFQAISDVIGNKSVVQVKNFFVNYRRRFNIDEVLQEWEAEHGKEETNGPSNQKPVKSPDNSIKM
PEEEDEAPVLDVRYASAS
;
B
3 'polypeptide(L)' ARTMQTARKSTGGKAPRKQLA C
#
loop_
_chem_comp.id
_chem_comp.type
_chem_comp.name
_chem_comp.formula
FAD non-polymer 'FLAVIN-ADENINE DINUCLEOTIDE' 'C27 H33 N9 O15 P2'
#
# COMPACT_ATOMS: atom_id res chain seq x y z
N PRO A 49 26.91 -6.21 4.53
CA PRO A 49 27.80 -7.19 5.15
C PRO A 49 29.28 -7.06 4.70
N SER A 50 30.16 -7.77 5.40
CA SER A 50 31.60 -7.59 5.27
C SER A 50 32.31 -8.94 5.26
N GLY A 51 33.36 -9.02 4.44
CA GLY A 51 34.14 -10.24 4.34
C GLY A 51 33.64 -11.15 3.22
N VAL A 52 34.01 -12.43 3.36
CA VAL A 52 33.55 -13.40 2.36
C VAL A 52 32.04 -13.52 2.41
N GLU A 53 31.42 -13.21 3.54
CA GLU A 53 29.96 -13.20 3.59
C GLU A 53 29.40 -12.06 2.75
N GLY A 54 30.09 -10.93 2.68
CA GLY A 54 29.59 -9.81 1.91
C GLY A 54 29.68 -10.07 0.43
N ALA A 55 30.76 -10.75 0.01
CA ALA A 55 30.84 -11.22 -1.36
C ALA A 55 29.61 -12.04 -1.73
N ALA A 56 29.18 -12.95 -0.86
CA ALA A 56 28.00 -13.75 -1.18
C ALA A 56 26.75 -12.88 -1.33
N PHE A 57 26.57 -11.92 -0.42
CA PHE A 57 25.37 -11.09 -0.44
C PHE A 57 25.36 -10.14 -1.63
N GLN A 58 26.53 -9.65 -2.05
CA GLN A 58 26.63 -8.81 -3.24
C GLN A 58 26.38 -9.62 -4.52
N SER A 59 26.48 -10.94 -4.43
CA SER A 59 26.15 -11.80 -5.55
C SER A 59 24.80 -12.47 -5.36
N ARG A 60 23.93 -11.88 -4.56
CA ARG A 60 22.55 -12.34 -4.38
C ARG A 60 22.45 -13.81 -3.93
N LEU A 61 23.46 -14.31 -3.18
CA LEU A 61 23.51 -15.69 -2.68
C LEU A 61 23.64 -15.78 -1.17
N PRO A 62 22.93 -16.73 -0.53
CA PRO A 62 23.15 -16.96 0.90
C PRO A 62 24.57 -17.44 1.13
N HIS A 63 25.27 -16.80 2.07
CA HIS A 63 26.66 -17.14 2.31
C HIS A 63 26.82 -18.45 3.04
N ASP A 64 25.75 -19.01 3.61
CA ASP A 64 25.84 -20.13 4.53
C ASP A 64 24.97 -21.30 4.09
N ARG A 65 24.38 -21.22 2.91
CA ARG A 65 23.50 -22.26 2.42
C ARG A 65 23.81 -22.46 0.93
N MET A 66 23.68 -23.69 0.47
CA MET A 66 23.84 -23.88 -0.96
C MET A 66 22.49 -23.70 -1.65
N THR A 67 22.52 -23.14 -2.87
CA THR A 67 21.31 -22.79 -3.61
C THR A 67 20.77 -24.00 -4.37
N SER A 68 19.59 -23.81 -4.96
CA SER A 68 19.03 -24.88 -5.78
C SER A 68 19.89 -25.12 -7.02
N GLN A 69 20.45 -24.05 -7.57
CA GLN A 69 21.36 -24.16 -8.70
C GLN A 69 22.55 -25.05 -8.39
N GLU A 70 23.18 -24.85 -7.25
CA GLU A 70 24.42 -25.58 -6.97
C GLU A 70 24.13 -26.98 -6.48
N ALA A 71 22.98 -27.18 -5.86
CA ALA A 71 22.50 -28.53 -5.68
C ALA A 71 22.56 -29.27 -7.00
N ALA A 72 22.26 -28.58 -8.10
CA ALA A 72 22.22 -29.23 -9.40
C ALA A 72 23.61 -29.59 -9.91
N CYS A 73 24.55 -28.64 -9.84
CA CYS A 73 25.91 -28.89 -10.30
C CYS A 73 26.78 -29.61 -9.29
N PHE A 74 26.42 -29.63 -8.02
CA PHE A 74 27.25 -30.25 -7.01
C PHE A 74 26.40 -31.21 -6.18
N PRO A 75 25.62 -32.11 -6.80
CA PRO A 75 24.77 -32.95 -6.00
C PRO A 75 25.57 -33.86 -5.11
N ASP A 76 26.81 -34.15 -5.48
CA ASP A 76 27.67 -34.91 -4.57
C ASP A 76 27.88 -34.16 -3.25
N ILE A 77 28.25 -32.87 -3.32
CA ILE A 77 28.51 -32.08 -2.12
C ILE A 77 27.27 -31.97 -1.25
N ILE A 78 26.16 -31.51 -1.82
CA ILE A 78 24.93 -31.26 -1.07
C ILE A 78 24.47 -32.50 -0.32
N SER A 79 24.38 -33.64 -1.00
CA SER A 79 23.94 -34.85 -0.30
C SER A 79 25.02 -35.39 0.65
N GLY A 80 26.19 -34.77 0.65
CA GLY A 80 27.32 -35.22 1.41
C GLY A 80 27.35 -34.64 2.81
N PRO A 81 28.52 -34.75 3.45
CA PRO A 81 28.63 -34.38 4.85
C PRO A 81 28.72 -32.86 5.07
N GLN A 82 28.18 -32.43 6.21
CA GLN A 82 28.11 -31.01 6.54
C GLN A 82 29.46 -30.31 6.43
N GLN A 83 30.55 -31.02 6.69
CA GLN A 83 31.86 -30.37 6.62
C GLN A 83 32.20 -29.98 5.19
N THR A 84 31.99 -30.90 4.23
CA THR A 84 32.32 -30.60 2.84
C THR A 84 31.51 -29.40 2.32
N GLN A 85 30.20 -29.36 2.62
CA GLN A 85 29.38 -28.21 2.27
C GLN A 85 30.05 -26.91 2.71
N LYS A 86 30.58 -26.89 3.93
CA LYS A 86 31.25 -25.70 4.43
C LYS A 86 32.47 -25.36 3.60
N VAL A 87 33.25 -26.37 3.21
CA VAL A 87 34.43 -26.14 2.37
C VAL A 87 34.02 -25.49 1.06
N PHE A 88 33.12 -26.17 0.35
CA PHE A 88 32.58 -25.62 -0.90
C PHE A 88 32.13 -24.19 -0.69
N LEU A 89 31.33 -23.96 0.36
CA LEU A 89 30.72 -22.65 0.57
C LEU A 89 31.80 -21.61 0.81
N PHE A 90 32.86 -21.99 1.50
CA PHE A 90 33.95 -21.05 1.64
C PHE A 90 34.64 -20.84 0.30
N ILE A 91 34.92 -21.94 -0.41
CA ILE A 91 35.56 -21.83 -1.72
C ILE A 91 34.71 -20.97 -2.64
N ARG A 92 33.41 -21.25 -2.70
CA ARG A 92 32.49 -20.39 -3.45
C ARG A 92 32.68 -18.93 -3.02
N ASN A 93 32.34 -18.64 -1.74
CA ASN A 93 32.25 -17.27 -1.23
C ASN A 93 33.59 -16.55 -1.33
N ARG A 94 34.67 -17.27 -1.07
CA ARG A 94 36.00 -16.72 -1.32
C ARG A 94 36.12 -16.25 -2.76
N THR A 95 35.81 -17.13 -3.73
CA THR A 95 36.05 -16.80 -5.14
C THR A 95 35.32 -15.53 -5.56
N LEU A 96 34.03 -15.42 -5.22
CA LEU A 96 33.34 -14.20 -5.64
C LEU A 96 34.04 -12.97 -5.11
N GLN A 97 34.61 -13.08 -3.91
CA GLN A 97 35.29 -11.95 -3.30
C GLN A 97 36.43 -11.45 -4.18
N LEU A 98 37.32 -12.34 -4.61
CA LEU A 98 38.42 -11.89 -5.46
C LEU A 98 37.90 -11.31 -6.76
N TRP A 99 36.87 -11.93 -7.35
CA TRP A 99 36.27 -11.30 -8.52
C TRP A 99 35.67 -9.95 -8.17
N LEU A 100 34.96 -9.88 -7.02
CA LEU A 100 34.27 -8.65 -6.66
C LEU A 100 35.25 -7.56 -6.26
N ASP A 101 36.41 -7.95 -5.70
CA ASP A 101 37.43 -6.98 -5.34
C ASP A 101 37.95 -6.26 -6.59
N ASN A 102 38.48 -7.02 -7.53
CA ASN A 102 38.94 -6.46 -8.79
C ASN A 102 38.11 -7.04 -9.92
N PRO A 103 37.06 -6.35 -10.37
CA PRO A 103 36.26 -6.85 -11.47
C PRO A 103 36.72 -6.35 -12.83
N LYS A 104 37.82 -5.61 -12.89
CA LYS A 104 38.32 -5.13 -14.17
C LYS A 104 39.32 -6.10 -14.83
N ILE A 105 39.61 -7.26 -14.20
CA ILE A 105 40.45 -8.28 -14.81
C ILE A 105 39.80 -9.65 -14.66
N GLN A 106 40.04 -10.50 -15.66
CA GLN A 106 39.57 -11.87 -15.61
C GLN A 106 40.11 -12.56 -14.37
N LEU A 107 39.28 -13.38 -13.74
CA LEU A 107 39.69 -14.12 -12.56
C LEU A 107 39.94 -15.56 -12.97
N THR A 108 41.18 -15.85 -13.35
CA THR A 108 41.51 -17.17 -13.86
C THR A 108 41.52 -18.20 -12.75
N PHE A 109 41.34 -19.44 -13.15
CA PHE A 109 41.31 -20.54 -12.18
C PHE A 109 42.61 -20.63 -11.41
N GLU A 110 43.74 -20.62 -12.12
CA GLU A 110 45.04 -20.58 -11.47
C GLU A 110 45.12 -19.43 -10.47
N ALA A 111 44.67 -18.24 -10.87
CA ALA A 111 44.63 -17.10 -9.97
C ALA A 111 43.91 -17.44 -8.67
N THR A 112 42.72 -18.03 -8.77
CA THR A 112 41.94 -18.35 -7.58
C THR A 112 42.69 -19.32 -6.68
N LEU A 113 43.17 -20.43 -7.24
CA LEU A 113 43.88 -21.40 -6.42
C LEU A 113 45.11 -20.79 -5.78
N GLN A 114 45.85 -19.96 -6.52
CA GLN A 114 47.00 -19.27 -5.95
C GLN A 114 46.63 -18.55 -4.65
N GLN A 115 45.53 -17.81 -4.64
CA GLN A 115 45.17 -16.99 -3.49
C GLN A 115 44.36 -17.74 -2.43
N LEU A 116 44.01 -18.99 -2.66
CA LEU A 116 43.30 -19.77 -1.65
C LEU A 116 44.27 -20.33 -0.60
N GLU A 117 43.87 -20.24 0.67
CA GLU A 117 44.67 -20.74 1.77
C GLU A 117 44.24 -22.15 2.15
N ALA A 118 45.22 -22.94 2.58
CA ALA A 118 44.92 -24.27 3.10
C ALA A 118 44.00 -24.14 4.31
N PRO A 119 43.17 -25.16 4.60
CA PRO A 119 43.07 -26.45 3.91
C PRO A 119 42.29 -26.41 2.59
N TYR A 120 41.81 -25.22 2.20
CA TYR A 120 40.88 -25.10 1.08
C TYR A 120 41.58 -25.26 -0.26
N ASN A 121 42.78 -24.68 -0.40
CA ASN A 121 43.57 -24.84 -1.61
C ASN A 121 44.00 -26.30 -1.83
N SER A 122 43.60 -27.20 -0.93
CA SER A 122 44.12 -28.56 -0.98
C SER A 122 43.46 -29.39 -2.07
N ASP A 123 42.12 -29.37 -2.15
CA ASP A 123 41.38 -30.14 -3.15
C ASP A 123 41.22 -29.29 -4.40
N THR A 124 41.95 -29.63 -5.46
CA THR A 124 41.96 -28.72 -6.59
C THR A 124 40.75 -28.92 -7.49
N VAL A 125 40.29 -30.16 -7.69
CA VAL A 125 39.15 -30.39 -8.58
C VAL A 125 37.89 -29.72 -8.02
N LEU A 126 37.73 -29.72 -6.69
CA LEU A 126 36.65 -28.93 -6.12
C LEU A 126 36.83 -27.47 -6.44
N VAL A 127 38.05 -26.95 -6.31
CA VAL A 127 38.23 -25.54 -6.62
C VAL A 127 37.98 -25.31 -8.11
N HIS A 128 38.43 -26.23 -8.96
CA HIS A 128 38.14 -26.10 -10.39
C HIS A 128 36.65 -26.17 -10.65
N ARG A 129 35.96 -27.15 -10.06
CA ARG A 129 34.52 -27.28 -10.27
C ARG A 129 33.79 -25.99 -9.91
N VAL A 130 34.11 -25.44 -8.73
CA VAL A 130 33.49 -24.22 -8.27
C VAL A 130 33.80 -23.05 -9.20
N HIS A 131 35.09 -22.82 -9.47
CA HIS A 131 35.47 -21.69 -10.29
C HIS A 131 34.83 -21.77 -11.67
N SER A 132 34.61 -22.99 -12.17
CA SER A 132 34.03 -23.13 -13.50
C SER A 132 32.53 -22.88 -13.47
N TYR A 133 31.83 -23.40 -12.46
CA TYR A 133 30.42 -23.08 -12.28
C TYR A 133 30.20 -21.58 -12.11
N LEU A 134 31.06 -20.92 -11.34
CA LEU A 134 30.92 -19.49 -11.17
C LEU A 134 31.11 -18.75 -12.49
N GLU A 135 32.10 -19.17 -13.26
CA GLU A 135 32.38 -18.50 -14.52
C GLU A 135 31.27 -18.74 -15.53
N ARG A 136 30.68 -19.93 -15.49
CA ARG A 136 29.65 -20.28 -16.45
C ARG A 136 28.40 -19.46 -16.23
N HIS A 137 28.05 -19.22 -14.97
CA HIS A 137 26.78 -18.58 -14.69
C HIS A 137 26.91 -17.10 -14.42
N GLY A 138 28.04 -16.51 -14.76
CA GLY A 138 28.16 -15.06 -14.74
C GLY A 138 28.15 -14.49 -13.35
N LEU A 139 28.59 -15.27 -12.37
CA LEU A 139 28.84 -14.75 -11.05
C LEU A 139 30.24 -14.18 -10.94
N ILE A 140 31.14 -14.60 -11.81
CA ILE A 140 32.48 -14.04 -11.90
C ILE A 140 32.79 -13.95 -13.39
N ASN A 141 33.73 -13.08 -13.74
CA ASN A 141 34.13 -12.88 -15.14
C ASN A 141 32.91 -12.66 -16.03
N PHE A 142 32.24 -11.54 -15.77
CA PHE A 142 31.15 -11.03 -16.58
C PHE A 142 31.30 -9.51 -16.67
N GLY A 143 30.64 -8.93 -17.67
CA GLY A 143 30.81 -7.51 -17.92
C GLY A 143 32.01 -7.23 -18.79
N ILE A 144 32.78 -6.21 -18.44
CA ILE A 144 33.92 -5.83 -19.28
C ILE A 144 35.25 -5.90 -18.59
N TYR A 145 35.83 -7.10 -18.58
CA TYR A 145 37.13 -7.36 -18.00
C TYR A 145 38.19 -7.45 -19.09
N LYS A 146 39.42 -7.15 -18.72
CA LYS A 146 40.54 -7.59 -19.53
C LYS A 146 40.63 -9.10 -19.46
N ARG A 147 40.86 -9.74 -20.60
CA ARG A 147 41.04 -11.19 -20.63
C ARG A 147 42.51 -11.50 -20.36
N ILE A 148 42.76 -12.57 -19.61
CA ILE A 148 44.14 -13.00 -19.42
C ILE A 148 44.47 -14.04 -20.48
N LYS A 149 43.87 -15.21 -20.37
CA LYS A 149 43.89 -16.15 -21.48
C LYS A 149 43.10 -15.55 -22.64
N PRO A 150 43.64 -15.57 -23.86
CA PRO A 150 42.96 -14.92 -24.98
C PRO A 150 41.82 -15.78 -25.50
N LEU A 151 40.92 -15.11 -26.24
CA LEU A 151 39.73 -15.77 -26.74
C LEU A 151 40.13 -16.91 -27.68
N PRO A 152 39.51 -18.08 -27.56
CA PRO A 152 39.88 -19.25 -28.38
C PRO A 152 40.01 -18.93 -29.87
N THR A 153 40.96 -19.60 -30.51
CA THR A 153 41.33 -19.27 -31.88
C THR A 153 40.18 -19.55 -32.85
N LYS A 154 39.66 -20.79 -32.85
CA LYS A 154 38.49 -21.15 -33.63
C LYS A 154 37.38 -21.48 -32.66
N LYS A 155 36.16 -21.06 -33.00
CA LYS A 155 35.06 -21.08 -32.06
C LYS A 155 34.28 -22.39 -32.17
N THR A 156 33.06 -22.39 -31.67
CA THR A 156 32.26 -23.61 -31.55
C THR A 156 30.83 -23.21 -31.38
N GLY A 157 29.93 -23.76 -32.20
CA GLY A 157 28.53 -23.39 -32.17
C GLY A 157 28.30 -22.01 -32.78
N LYS A 158 27.07 -21.73 -33.19
CA LYS A 158 26.68 -20.41 -33.66
C LYS A 158 25.35 -20.04 -33.04
N VAL A 159 25.31 -18.88 -32.37
CA VAL A 159 24.09 -18.38 -31.75
C VAL A 159 23.75 -17.05 -32.38
N ILE A 160 22.47 -16.92 -32.71
CA ILE A 160 21.86 -15.69 -33.19
C ILE A 160 21.03 -15.12 -32.04
N ILE A 161 21.30 -13.86 -31.70
CA ILE A 161 20.64 -13.17 -30.61
C ILE A 161 19.71 -12.12 -31.17
N ILE A 162 18.41 -12.31 -30.96
CA ILE A 162 17.43 -11.33 -31.40
C ILE A 162 17.31 -10.22 -30.35
N GLY A 163 17.68 -9.01 -30.75
CA GLY A 163 17.66 -7.88 -29.86
C GLY A 163 19.04 -7.64 -29.32
N SER A 164 19.57 -6.42 -29.46
CA SER A 164 20.74 -6.04 -28.70
C SER A 164 20.35 -5.20 -27.49
N GLY A 165 19.18 -5.44 -26.91
CA GLY A 165 18.86 -4.85 -25.63
C GLY A 165 19.86 -5.30 -24.57
N VAL A 166 19.75 -4.75 -23.36
CA VAL A 166 20.76 -5.07 -22.37
C VAL A 166 20.81 -6.56 -22.10
N SER A 167 19.64 -7.21 -22.00
CA SER A 167 19.68 -8.66 -21.80
C SER A 167 20.37 -9.32 -22.97
N GLY A 168 20.05 -8.87 -24.19
CA GLY A 168 20.72 -9.32 -25.38
C GLY A 168 22.23 -9.19 -25.29
N LEU A 169 22.72 -7.96 -25.08
CA LEU A 169 24.17 -7.75 -25.01
C LEU A 169 24.78 -8.62 -23.93
N ALA A 170 24.08 -8.76 -22.81
CA ALA A 170 24.62 -9.51 -21.69
C ALA A 170 25.01 -10.91 -22.14
N ALA A 171 24.05 -11.64 -22.73
CA ALA A 171 24.33 -12.97 -23.24
C ALA A 171 25.46 -12.96 -24.27
N ALA A 172 25.33 -12.14 -25.31
CA ALA A 172 26.35 -12.02 -26.35
C ALA A 172 27.75 -12.00 -25.79
N ARG A 173 27.98 -11.17 -24.76
CA ARG A 173 29.33 -11.06 -24.22
C ARG A 173 29.77 -12.35 -23.54
N GLN A 174 28.88 -12.98 -22.77
CA GLN A 174 29.24 -14.22 -22.11
C GLN A 174 29.53 -15.31 -23.12
N LEU A 175 28.60 -15.49 -24.08
CA LEU A 175 28.75 -16.51 -25.11
C LEU A 175 30.05 -16.34 -25.86
N GLN A 176 30.29 -15.18 -26.43
CA GLN A 176 31.60 -14.94 -27.03
C GLN A 176 32.71 -15.20 -26.04
N SER A 177 32.53 -14.81 -24.78
CA SER A 177 33.57 -15.07 -23.80
C SER A 177 33.83 -16.56 -23.65
N PHE A 178 32.83 -17.40 -23.95
CA PHE A 178 32.95 -18.84 -23.86
C PHE A 178 33.42 -19.49 -25.16
N GLY A 179 33.91 -18.71 -26.10
CA GLY A 179 34.35 -19.26 -27.36
C GLY A 179 33.24 -19.62 -28.33
N MET A 180 32.13 -18.91 -28.32
CA MET A 180 31.10 -19.21 -29.31
C MET A 180 31.07 -18.11 -30.34
N ASP A 181 30.41 -18.42 -31.47
CA ASP A 181 30.20 -17.44 -32.51
C ASP A 181 28.82 -16.83 -32.34
N VAL A 182 28.79 -15.52 -32.14
CA VAL A 182 27.58 -14.85 -31.73
C VAL A 182 27.32 -13.68 -32.66
N THR A 183 26.08 -13.56 -33.10
CA THR A 183 25.64 -12.39 -33.85
C THR A 183 24.31 -11.90 -33.26
N LEU A 184 24.18 -10.58 -33.18
CA LEU A 184 22.96 -9.94 -32.71
C LEU A 184 22.28 -9.22 -33.87
N LEU A 185 20.98 -9.49 -34.01
CA LEU A 185 20.09 -8.79 -34.93
C LEU A 185 19.24 -7.80 -34.15
N GLU A 186 19.32 -6.52 -34.52
CA GLU A 186 18.66 -5.44 -33.79
C GLU A 186 17.87 -4.60 -34.77
N ALA A 187 16.58 -4.44 -34.51
CA ALA A 187 15.70 -3.69 -35.40
C ALA A 187 16.04 -2.20 -35.41
N ARG A 188 16.58 -1.68 -34.31
CA ARG A 188 16.89 -0.27 -34.17
C ARG A 188 18.22 0.04 -34.88
N ASP A 189 18.55 1.34 -34.93
CA ASP A 189 19.87 1.81 -35.34
C ASP A 189 20.75 2.15 -34.15
N ARG A 190 20.52 1.50 -33.01
CA ARG A 190 21.29 1.71 -31.80
C ARG A 190 21.04 0.50 -30.91
N VAL A 191 21.82 0.41 -29.83
CA VAL A 191 21.90 -0.82 -29.06
C VAL A 191 21.08 -0.80 -27.79
N GLY A 192 20.45 0.30 -27.44
CA GLY A 192 20.08 0.27 -26.03
C GLY A 192 18.89 -0.57 -25.64
N GLY A 193 18.04 -0.92 -26.61
CA GLY A 193 16.71 -1.38 -26.26
C GLY A 193 15.95 -0.29 -25.53
N ARG A 194 15.40 -0.68 -24.39
CA ARG A 194 14.62 0.25 -23.59
C ARG A 194 15.50 1.13 -22.73
N VAL A 195 16.82 1.02 -22.86
CA VAL A 195 17.74 2.02 -22.35
C VAL A 195 17.99 3.01 -23.48
N ALA A 196 17.35 4.19 -23.39
CA ALA A 196 17.32 5.18 -24.46
C ALA A 196 17.74 6.53 -23.88
N THR A 197 18.81 7.12 -24.41
CA THR A 197 19.36 8.33 -23.81
C THR A 197 19.35 9.49 -24.79
N PHE A 198 18.49 10.48 -24.55
CA PHE A 198 18.49 11.67 -25.39
C PHE A 198 19.75 12.49 -25.15
N ARG A 199 20.34 12.98 -26.24
CA ARG A 199 21.48 13.89 -26.17
C ARG A 199 21.36 14.95 -27.26
N LYS A 200 21.47 16.21 -26.86
CA LYS A 200 21.65 17.32 -27.78
C LYS A 200 22.50 18.35 -27.04
N GLY A 201 23.50 18.89 -27.74
CA GLY A 201 24.51 19.73 -27.11
C GLY A 201 24.97 19.16 -25.78
N ASN A 202 24.74 19.89 -24.69
CA ASN A 202 25.08 19.46 -23.35
C ASN A 202 23.94 18.74 -22.65
N TYR A 203 22.73 18.79 -23.21
CA TYR A 203 21.59 18.16 -22.58
C TYR A 203 21.68 16.63 -22.69
N VAL A 204 21.20 15.94 -21.66
CA VAL A 204 21.29 14.49 -21.55
C VAL A 204 20.18 14.02 -20.65
N ALA A 205 19.38 13.06 -21.11
CA ALA A 205 18.19 12.66 -20.34
C ALA A 205 17.67 11.32 -20.84
N ASP A 206 17.58 10.33 -19.96
CA ASP A 206 17.08 9.02 -20.39
C ASP A 206 15.56 9.03 -20.53
N LEU A 207 15.07 8.67 -21.72
CA LEU A 207 13.68 8.31 -21.92
C LEU A 207 13.37 6.88 -21.54
N GLY A 208 14.40 6.10 -21.17
CA GLY A 208 14.16 4.74 -20.76
C GLY A 208 14.62 4.58 -19.33
N ALA A 209 15.35 3.52 -19.05
CA ALA A 209 15.93 3.32 -17.73
C ALA A 209 16.73 4.54 -17.29
N MET A 210 16.58 4.90 -16.00
CA MET A 210 17.14 6.11 -15.41
C MET A 210 17.83 5.84 -14.08
N VAL A 211 17.30 4.90 -13.30
CA VAL A 211 17.64 4.76 -11.90
C VAL A 211 18.22 3.38 -11.67
N VAL A 212 19.43 3.33 -11.10
CA VAL A 212 19.91 2.10 -10.46
C VAL A 212 19.17 1.98 -9.13
N THR A 213 18.50 0.86 -8.92
CA THR A 213 17.74 0.75 -7.66
C THR A 213 18.62 0.24 -6.51
N GLY A 214 19.77 0.89 -6.39
CA GLY A 214 20.67 0.71 -5.26
C GLY A 214 21.64 -0.43 -5.42
N LEU A 215 22.92 -0.19 -5.14
CA LEU A 215 23.99 -1.14 -5.43
C LEU A 215 24.08 -2.32 -4.45
N GLY A 216 23.16 -2.46 -3.51
CA GLY A 216 23.33 -3.49 -2.50
C GLY A 216 22.90 -4.84 -3.00
N GLY A 217 23.83 -5.58 -3.60
CA GLY A 217 23.52 -6.83 -4.26
C GLY A 217 23.28 -6.69 -5.75
N ASN A 218 23.51 -5.51 -6.30
CA ASN A 218 23.19 -5.23 -7.69
C ASN A 218 24.34 -5.65 -8.60
N PRO A 219 24.11 -6.50 -9.61
CA PRO A 219 25.15 -6.72 -10.62
C PRO A 219 25.52 -5.44 -11.33
N MET A 220 24.61 -4.47 -11.38
CA MET A 220 24.94 -3.16 -11.95
C MET A 220 26.13 -2.54 -11.25
N ALA A 221 26.34 -2.88 -9.97
CA ALA A 221 27.49 -2.37 -9.23
C ALA A 221 28.79 -2.79 -9.89
N VAL A 222 28.88 -4.06 -10.30
CA VAL A 222 30.08 -4.56 -10.96
C VAL A 222 30.32 -3.82 -12.27
N VAL A 223 29.24 -3.54 -13.02
CA VAL A 223 29.40 -2.86 -14.29
C VAL A 223 29.98 -1.46 -14.08
N SER A 224 29.50 -0.76 -13.07
CA SER A 224 29.93 0.61 -12.82
C SER A 224 31.40 0.68 -12.43
N LYS A 225 31.90 -0.33 -11.73
CA LYS A 225 33.33 -0.36 -11.44
C LYS A 225 34.12 -0.52 -12.73
N GLN A 226 33.68 -1.44 -13.61
CA GLN A 226 34.37 -1.67 -14.87
C GLN A 226 34.24 -0.47 -15.80
N VAL A 227 33.05 0.12 -15.87
CA VAL A 227 32.68 1.11 -16.86
C VAL A 227 32.72 2.50 -16.26
N ASN A 228 33.10 3.47 -17.09
CA ASN A 228 32.93 4.87 -16.72
C ASN A 228 31.40 4.85 -16.61
N MET A 229 30.87 5.13 -15.43
CA MET A 229 29.55 5.71 -15.19
C MET A 229 29.68 6.74 -14.08
N GLU A 230 29.08 7.91 -14.31
CA GLU A 230 28.93 8.91 -13.26
C GLU A 230 27.64 8.56 -12.52
N LEU A 231 27.78 7.86 -11.40
CA LEU A 231 26.64 7.52 -10.56
C LEU A 231 26.40 8.64 -9.55
N ALA A 232 25.16 9.10 -9.48
CA ALA A 232 24.80 10.23 -8.64
C ALA A 232 23.64 9.80 -7.76
N LYS A 233 23.73 10.08 -6.45
CA LYS A 233 22.69 9.62 -5.55
C LYS A 233 21.44 10.49 -5.68
N ILE A 234 20.29 9.90 -5.40
CA ILE A 234 19.01 10.61 -5.43
C ILE A 234 18.61 10.83 -3.99
N LYS A 235 18.52 12.11 -3.58
CA LYS A 235 18.09 12.43 -2.24
C LYS A 235 16.57 12.33 -2.16
N GLN A 236 16.08 11.72 -1.08
CA GLN A 236 14.73 11.16 -1.04
C GLN A 236 13.62 12.21 -0.90
N LYS A 237 13.94 13.47 -0.55
CA LYS A 237 12.89 14.46 -0.29
C LYS A 237 12.05 14.70 -1.53
N CYS A 238 10.75 14.48 -1.41
CA CYS A 238 9.82 14.70 -2.52
C CYS A 238 8.64 15.55 -2.06
N PRO A 239 8.73 16.86 -2.24
CA PRO A 239 7.57 17.71 -1.98
C PRO A 239 6.44 17.44 -2.95
N LEU A 240 5.21 17.37 -2.46
CA LEU A 240 4.05 17.37 -3.34
C LEU A 240 3.53 18.79 -3.48
N TYR A 241 2.70 19.00 -4.48
CA TYR A 241 2.13 20.32 -4.72
C TYR A 241 0.80 20.10 -5.41
N GLU A 242 -0.29 20.57 -4.80
CA GLU A 242 -1.60 20.29 -5.35
C GLU A 242 -1.82 21.10 -6.61
N ALA A 243 -3.00 20.93 -7.20
CA ALA A 243 -3.29 21.51 -8.52
C ALA A 243 -3.16 23.04 -8.55
N ASN A 244 -3.10 23.69 -7.39
CA ASN A 244 -3.06 25.15 -7.33
C ASN A 244 -1.68 25.71 -7.64
N GLY A 245 -0.61 24.98 -7.34
CA GLY A 245 0.73 25.49 -7.42
C GLY A 245 1.38 25.82 -6.07
N GLN A 246 0.93 25.22 -4.98
CA GLN A 246 1.45 25.52 -3.66
C GLN A 246 1.53 24.23 -2.86
N ALA A 247 2.52 24.19 -1.98
CA ALA A 247 2.91 22.95 -1.33
C ALA A 247 1.76 22.36 -0.51
N VAL A 248 1.71 21.04 -0.46
CA VAL A 248 0.95 20.37 0.61
C VAL A 248 1.59 20.72 1.94
N PRO A 249 0.80 20.98 3.00
CA PRO A 249 1.39 21.25 4.31
C PRO A 249 1.76 19.97 5.05
N LYS A 250 2.95 19.98 5.68
CA LYS A 250 3.56 18.82 6.32
C LYS A 250 2.56 17.98 7.10
N GLU A 251 1.58 18.63 7.72
CA GLU A 251 0.50 17.92 8.39
C GLU A 251 -0.23 17.00 7.43
N LYS A 252 -0.63 17.55 6.28
CA LYS A 252 -1.49 16.83 5.35
C LYS A 252 -0.72 15.68 4.72
N ASP A 253 0.41 16.00 4.07
CA ASP A 253 1.38 15.05 3.55
C ASP A 253 1.86 13.84 4.32
N GLU A 254 1.90 13.96 5.64
CA GLU A 254 2.19 12.81 6.48
C GLU A 254 0.93 12.06 6.84
N MET A 255 -0.20 12.75 6.90
CA MET A 255 -1.42 12.06 7.29
C MET A 255 -1.96 11.23 6.13
N VAL A 256 -1.77 11.67 4.90
CA VAL A 256 -2.23 10.89 3.74
C VAL A 256 -1.27 9.75 3.41
N GLU A 257 0.03 10.07 3.24
CA GLU A 257 1.05 9.04 3.00
C GLU A 257 0.91 7.90 3.99
N GLN A 258 0.73 8.21 5.27
CA GLN A 258 0.50 7.18 6.26
C GLN A 258 -0.79 6.42 5.99
N GLU A 259 -1.87 7.13 5.64
CA GLU A 259 -3.11 6.40 5.40
C GLU A 259 -2.99 5.52 4.16
N PHE A 260 -2.25 5.97 3.15
CA PHE A 260 -2.01 5.15 1.96
C PHE A 260 -1.36 3.83 2.34
N ASN A 261 -0.18 3.89 2.97
CA ASN A 261 0.52 2.69 3.36
C ASN A 261 -0.35 1.80 4.24
N ARG A 262 -1.19 2.40 5.07
CA ARG A 262 -2.14 1.63 5.84
C ARG A 262 -3.12 0.90 4.92
N LEU A 263 -3.63 1.60 3.91
CA LEU A 263 -4.51 0.96 2.95
C LEU A 263 -3.80 -0.19 2.22
N LEU A 264 -2.54 0.01 1.83
CA LEU A 264 -1.78 -1.06 1.17
C LEU A 264 -1.67 -2.29 2.05
N GLU A 265 -1.20 -2.11 3.29
CA GLU A 265 -1.06 -3.24 4.21
C GLU A 265 -2.39 -3.94 4.39
N ALA A 266 -3.48 -3.19 4.35
CA ALA A 266 -4.80 -3.81 4.40
C ALA A 266 -4.96 -4.84 3.30
N THR A 267 -4.85 -4.39 2.03
CA THR A 267 -5.02 -5.25 0.86
C THR A 267 -4.19 -6.51 0.95
N SER A 268 -2.93 -6.37 1.38
CA SER A 268 -2.08 -7.54 1.60
C SER A 268 -2.78 -8.55 2.47
N LYS A 269 -3.48 -8.10 3.51
CA LYS A 269 -4.13 -9.03 4.42
C LYS A 269 -5.45 -9.55 3.85
N LEU A 270 -6.15 -8.77 3.02
CA LEU A 270 -7.22 -9.37 2.22
C LEU A 270 -6.69 -10.52 1.38
N SER A 271 -5.56 -10.28 0.72
CA SER A 271 -4.97 -11.27 -0.17
C SER A 271 -4.63 -12.52 0.62
N HIS A 272 -3.67 -12.38 1.53
CA HIS A 272 -3.03 -13.52 2.14
C HIS A 272 -3.78 -14.07 3.35
N GLN A 273 -4.31 -13.19 4.21
CA GLN A 273 -5.07 -13.63 5.40
C GLN A 273 -6.50 -14.03 5.03
N LEU A 274 -7.33 -13.06 4.65
CA LEU A 274 -8.74 -13.30 4.41
C LEU A 274 -9.01 -14.07 3.12
N ASP A 275 -7.98 -14.30 2.30
CA ASP A 275 -8.06 -15.10 1.08
C ASP A 275 -9.03 -14.49 0.05
N PHE A 276 -9.21 -13.17 0.09
CA PHE A 276 -10.04 -12.45 -0.87
C PHE A 276 -9.31 -12.39 -2.22
N ASN A 277 -9.58 -13.36 -3.10
CA ASN A 277 -8.79 -13.50 -4.32
C ASN A 277 -9.62 -13.82 -5.57
N VAL A 278 -10.93 -14.06 -5.45
CA VAL A 278 -11.84 -14.17 -6.59
C VAL A 278 -13.12 -13.41 -6.27
N LEU A 279 -13.70 -12.79 -7.30
CA LEU A 279 -14.94 -12.01 -7.12
C LEU A 279 -15.70 -12.01 -8.43
N ASN A 280 -16.83 -12.72 -8.46
CA ASN A 280 -17.60 -12.94 -9.69
C ASN A 280 -16.71 -13.55 -10.78
N ASN A 281 -15.91 -14.55 -10.37
CA ASN A 281 -15.09 -15.45 -11.19
C ASN A 281 -14.20 -14.72 -12.18
N LYS A 282 -13.63 -13.56 -11.79
CA LYS A 282 -12.38 -12.93 -12.18
C LYS A 282 -11.44 -12.76 -10.97
N PRO A 283 -10.13 -12.71 -11.21
CA PRO A 283 -9.19 -12.39 -10.12
C PRO A 283 -9.37 -10.97 -9.64
N VAL A 284 -9.07 -10.77 -8.37
CA VAL A 284 -9.08 -9.43 -7.79
C VAL A 284 -7.81 -8.70 -8.20
N SER A 285 -7.96 -7.46 -8.65
CA SER A 285 -6.81 -6.61 -8.87
C SER A 285 -6.49 -5.82 -7.61
N LEU A 286 -5.24 -5.38 -7.51
CA LEU A 286 -4.87 -4.46 -6.46
C LEU A 286 -5.83 -3.28 -6.42
N GLY A 287 -6.25 -2.80 -7.59
CA GLY A 287 -7.25 -1.76 -7.70
C GLY A 287 -8.56 -2.06 -6.98
N GLN A 288 -9.21 -3.18 -7.31
CA GLN A 288 -10.45 -3.55 -6.63
C GLN A 288 -10.23 -3.64 -5.12
N ALA A 289 -9.25 -4.43 -4.69
CA ALA A 289 -8.96 -4.56 -3.27
C ALA A 289 -8.80 -3.21 -2.64
N LEU A 290 -8.11 -2.29 -3.33
CA LEU A 290 -8.00 -0.93 -2.82
C LEU A 290 -9.38 -0.27 -2.66
N GLU A 291 -10.28 -0.49 -3.60
CA GLU A 291 -11.56 0.18 -3.44
C GLU A 291 -12.39 -0.47 -2.35
N VAL A 292 -12.35 -1.80 -2.25
CA VAL A 292 -13.11 -2.47 -1.18
C VAL A 292 -12.57 -2.08 0.19
N VAL A 293 -11.27 -1.84 0.31
CA VAL A 293 -10.70 -1.41 1.58
C VAL A 293 -11.10 0.02 1.90
N ILE A 294 -11.08 0.91 0.89
CA ILE A 294 -11.53 2.26 1.12
C ILE A 294 -13.02 2.30 1.42
N GLN A 295 -13.81 1.54 0.65
CA GLN A 295 -15.22 1.45 0.96
C GLN A 295 -15.44 0.95 2.39
N LEU A 296 -14.62 0.01 2.86
CA LEU A 296 -14.77 -0.43 4.25
C LEU A 296 -14.44 0.69 5.22
N GLN A 297 -13.36 1.44 4.98
CA GLN A 297 -13.08 2.60 5.81
C GLN A 297 -14.23 3.60 5.75
N GLU A 298 -14.61 4.03 4.55
CA GLU A 298 -15.71 4.97 4.42
C GLU A 298 -16.97 4.48 5.12
N LYS A 299 -17.17 3.16 5.18
CA LYS A 299 -18.26 2.65 5.99
C LYS A 299 -17.99 2.90 7.47
N HIS A 300 -16.79 2.55 7.94
CA HIS A 300 -16.52 2.62 9.38
C HIS A 300 -16.67 4.04 9.93
N VAL A 301 -16.34 5.06 9.14
CA VAL A 301 -16.59 6.43 9.55
C VAL A 301 -18.08 6.63 9.83
N LYS A 302 -18.94 5.93 9.10
CA LYS A 302 -20.38 6.13 9.29
C LYS A 302 -20.94 5.33 10.46
N ASP A 303 -20.39 4.16 10.80
CA ASP A 303 -20.84 3.54 12.05
C ASP A 303 -20.42 4.34 13.26
N GLU A 304 -19.28 5.03 13.15
CA GLU A 304 -18.77 5.75 14.31
C GLU A 304 -19.59 7.01 14.56
N GLN A 305 -20.01 7.70 13.51
CA GLN A 305 -20.96 8.77 13.69
C GLN A 305 -22.30 8.24 14.17
N ILE A 306 -22.78 7.15 13.56
CA ILE A 306 -24.10 6.64 13.92
C ILE A 306 -24.13 6.18 15.38
N GLU A 307 -23.10 5.48 15.83
CA GLU A 307 -23.13 5.02 17.22
C GLU A 307 -23.01 6.18 18.21
N HIS A 308 -22.41 7.30 17.81
CA HIS A 308 -22.21 8.41 18.73
C HIS A 308 -23.43 9.30 18.79
N TRP A 309 -24.00 9.65 17.63
CA TRP A 309 -25.28 10.35 17.65
C TRP A 309 -26.35 9.49 18.31
N LYS A 310 -26.29 8.17 18.12
CA LYS A 310 -27.24 7.31 18.83
C LYS A 310 -27.01 7.33 20.33
N LYS A 311 -25.81 7.74 20.78
CA LYS A 311 -25.59 7.96 22.20
C LYS A 311 -26.30 9.22 22.65
N ILE A 312 -26.34 10.23 21.80
CA ILE A 312 -27.02 11.46 22.16
C ILE A 312 -28.51 11.21 22.31
N VAL A 313 -29.13 10.48 21.40
CA VAL A 313 -30.57 10.28 21.55
C VAL A 313 -30.90 9.42 22.79
N LYS A 314 -29.98 8.55 23.21
CA LYS A 314 -30.30 7.76 24.40
C LYS A 314 -30.29 8.60 25.67
N THR A 315 -29.58 9.72 25.67
CA THR A 315 -29.61 10.60 26.83
C THR A 315 -30.57 11.77 26.66
N GLN A 316 -30.68 12.36 25.47
CA GLN A 316 -31.75 13.33 25.27
C GLN A 316 -33.11 12.73 25.52
N GLU A 317 -33.23 11.40 25.49
CA GLU A 317 -34.49 10.77 25.85
C GLU A 317 -34.61 10.46 27.34
N GLU A 318 -33.49 10.26 28.03
CA GLU A 318 -33.55 10.22 29.49
C GLU A 318 -33.86 11.59 30.06
N LEU A 319 -33.37 12.65 29.40
CA LEU A 319 -33.72 14.01 29.80
C LEU A 319 -35.20 14.26 29.63
N LYS A 320 -35.75 13.98 28.44
CA LYS A 320 -37.19 14.07 28.24
C LYS A 320 -37.94 13.38 29.36
N GLU A 321 -37.62 12.11 29.63
CA GLU A 321 -38.36 11.39 30.66
C GLU A 321 -38.15 11.98 32.03
N LEU A 322 -37.04 12.68 32.25
CA LEU A 322 -36.85 13.31 33.54
C LEU A 322 -37.53 14.66 33.62
N LEU A 323 -37.42 15.48 32.57
CA LEU A 323 -38.19 16.72 32.56
C LEU A 323 -39.67 16.44 32.78
N ASN A 324 -40.20 15.37 32.18
CA ASN A 324 -41.59 15.01 32.42
C ASN A 324 -41.86 14.76 33.90
N LYS A 325 -40.98 14.00 34.56
CA LYS A 325 -41.17 13.78 35.99
C LYS A 325 -41.07 15.09 36.76
N MET A 326 -40.29 16.05 36.26
CA MET A 326 -40.13 17.33 36.96
C MET A 326 -41.24 18.33 36.72
N VAL A 327 -41.89 18.32 35.55
CA VAL A 327 -43.12 19.07 35.44
C VAL A 327 -44.23 18.42 36.26
N ASN A 328 -44.31 17.10 36.21
CA ASN A 328 -45.33 16.46 37.03
C ASN A 328 -45.09 16.61 38.52
N LEU A 329 -43.95 17.15 38.95
CA LEU A 329 -43.80 17.43 40.37
C LEU A 329 -44.04 18.90 40.70
N LYS A 330 -43.57 19.82 39.87
CA LYS A 330 -44.02 21.20 40.00
C LYS A 330 -45.54 21.29 39.96
N GLU A 331 -46.22 20.37 39.25
CA GLU A 331 -47.67 20.36 39.29
C GLU A 331 -48.20 19.90 40.65
N LYS A 332 -47.70 18.75 41.16
CA LYS A 332 -48.10 18.29 42.50
C LYS A 332 -47.68 19.29 43.57
N ILE A 333 -46.50 19.89 43.41
CA ILE A 333 -46.08 20.92 44.37
C ILE A 333 -47.01 22.12 44.32
N LYS A 334 -47.36 22.56 43.12
CA LYS A 334 -48.28 23.70 42.97
C LYS A 334 -49.57 23.47 43.74
N GLU A 335 -50.14 22.27 43.65
CA GLU A 335 -51.42 22.00 44.27
C GLU A 335 -51.27 21.72 45.76
N LEU A 336 -50.16 21.11 46.17
CA LEU A 336 -49.93 20.90 47.60
C LEU A 336 -49.76 22.22 48.32
N HIS A 337 -48.86 23.06 47.81
CA HIS A 337 -48.60 24.34 48.45
C HIS A 337 -49.87 25.17 48.57
N GLN A 338 -50.72 25.13 47.55
CA GLN A 338 -52.05 25.72 47.68
C GLN A 338 -52.76 25.15 48.89
N GLN A 339 -52.96 23.84 48.91
CA GLN A 339 -53.67 23.18 49.99
C GLN A 339 -53.11 23.56 51.36
N TYR A 340 -51.79 23.66 51.48
CA TYR A 340 -51.20 24.09 52.75
C TYR A 340 -51.60 25.52 53.05
N LYS A 341 -51.67 26.37 52.04
CA LYS A 341 -52.02 27.77 52.28
C LYS A 341 -53.47 27.90 52.78
N GLU A 342 -54.38 27.09 52.23
CA GLU A 342 -55.76 27.10 52.70
C GLU A 342 -55.90 26.51 54.09
N ALA A 343 -54.95 25.67 54.50
CA ALA A 343 -55.03 25.00 55.79
C ALA A 343 -54.43 25.84 56.90
N SER A 344 -53.46 26.70 56.59
CA SER A 344 -53.01 27.67 57.57
C SER A 344 -53.97 28.86 57.69
N GLU A 345 -54.93 28.97 56.77
CA GLU A 345 -56.01 29.96 56.88
C GLU A 345 -56.78 29.79 58.18
N VAL A 346 -57.23 28.56 58.46
CA VAL A 346 -57.80 28.24 59.78
C VAL A 346 -56.73 28.88 60.66
N LYS A 347 -57.18 29.69 61.63
CA LYS A 347 -56.20 30.28 62.53
C LYS A 347 -56.21 29.59 63.88
N PRO A 348 -55.04 29.52 64.53
CA PRO A 348 -54.95 28.83 65.81
C PRO A 348 -55.64 29.62 66.90
N PRO A 349 -55.95 28.99 68.06
CA PRO A 349 -56.02 27.53 68.24
C PRO A 349 -57.03 26.85 67.32
N ARG A 350 -56.72 25.59 66.97
CA ARG A 350 -57.54 24.79 66.08
C ARG A 350 -57.45 23.36 66.58
N ASP A 351 -58.44 22.55 66.25
CA ASP A 351 -58.41 21.20 66.79
C ASP A 351 -57.29 20.43 66.11
N ILE A 352 -56.96 19.26 66.67
CA ILE A 352 -55.69 18.69 66.27
C ILE A 352 -55.74 18.10 64.89
N THR A 353 -56.90 17.68 64.39
CA THR A 353 -56.92 17.22 63.01
C THR A 353 -56.59 18.38 62.06
N ALA A 354 -57.16 19.55 62.30
CA ALA A 354 -56.76 20.73 61.55
C ALA A 354 -55.28 21.05 61.76
N GLU A 355 -54.75 20.81 62.95
CA GLU A 355 -53.33 21.07 63.18
C GLU A 355 -52.47 20.11 62.38
N PHE A 356 -52.94 18.87 62.21
CA PHE A 356 -52.17 17.88 61.47
C PHE A 356 -52.32 18.10 59.97
N LEU A 357 -53.43 18.66 59.52
CA LEU A 357 -53.55 18.97 58.10
C LEU A 357 -52.53 20.03 57.70
N VAL A 358 -52.30 21.04 58.53
CA VAL A 358 -51.22 21.97 58.24
C VAL A 358 -49.88 21.25 58.33
N LYS A 359 -49.67 20.49 59.40
CA LYS A 359 -48.39 19.81 59.55
C LYS A 359 -48.17 18.75 58.46
N SER A 360 -49.23 18.01 58.10
CA SER A 360 -49.11 16.99 57.06
C SER A 360 -48.70 17.62 55.74
N LYS A 361 -49.55 18.49 55.17
CA LYS A 361 -49.18 19.18 53.94
C LYS A 361 -47.80 19.82 54.02
N HIS A 362 -47.28 20.10 55.20
CA HIS A 362 -45.91 20.60 55.24
C HIS A 362 -44.92 19.47 55.00
N ARG A 363 -45.08 18.36 55.69
CA ARG A 363 -44.15 17.27 55.36
C ARG A 363 -44.34 16.95 53.90
N ASP A 364 -45.58 16.73 53.51
CA ASP A 364 -45.79 16.25 52.14
C ASP A 364 -45.20 17.20 51.12
N LEU A 365 -45.14 18.49 51.41
CA LEU A 365 -44.55 19.38 50.41
C LEU A 365 -43.04 19.42 50.52
N THR A 366 -42.50 19.43 51.73
CA THR A 366 -41.05 19.37 51.84
C THR A 366 -40.52 18.08 51.22
N ALA A 367 -41.26 16.97 51.37
CA ALA A 367 -40.86 15.70 50.78
C ALA A 367 -40.91 15.76 49.25
N LEU A 368 -41.96 16.34 48.68
CA LEU A 368 -41.99 16.60 47.24
C LEU A 368 -41.01 17.67 46.81
N CYS A 369 -40.50 18.47 47.74
CA CYS A 369 -39.45 19.42 47.41
C CYS A 369 -38.08 18.77 47.46
N LYS A 370 -37.95 17.71 48.26
CA LYS A 370 -36.75 16.87 48.19
C LYS A 370 -36.70 16.13 46.86
N GLU A 371 -37.79 15.41 46.53
CA GLU A 371 -37.85 14.63 45.30
C GLU A 371 -37.58 15.47 44.06
N TYR A 372 -38.02 16.74 44.06
CA TYR A 372 -37.74 17.61 42.92
C TYR A 372 -36.31 18.13 42.96
N ASP A 373 -35.68 18.21 44.12
CA ASP A 373 -34.32 18.71 44.11
C ASP A 373 -33.33 17.64 43.65
N GLU A 374 -33.55 16.38 44.09
CA GLU A 374 -32.78 15.25 43.58
C GLU A 374 -32.89 15.09 42.07
N LEU A 375 -33.89 15.72 41.46
CA LEU A 375 -34.20 15.52 40.05
C LEU A 375 -33.69 16.63 39.14
N ALA A 376 -33.44 17.83 39.64
CA ALA A 376 -32.67 18.77 38.85
C ALA A 376 -31.20 18.73 39.22
N GLU A 377 -30.87 18.01 40.30
CA GLU A 377 -29.52 17.49 40.47
C GLU A 377 -29.14 16.58 39.32
N THR A 378 -29.88 15.47 39.17
CA THR A 378 -29.61 14.51 38.11
C THR A 378 -29.79 15.13 36.72
N GLN A 379 -30.77 16.03 36.56
CA GLN A 379 -30.85 16.83 35.34
C GLN A 379 -29.59 17.63 35.09
N GLY A 380 -28.78 17.88 36.12
CA GLY A 380 -27.51 18.53 35.90
C GLY A 380 -26.47 17.60 35.30
N LYS A 381 -26.40 16.36 35.79
CA LYS A 381 -25.44 15.38 35.28
C LYS A 381 -25.72 15.06 33.81
N LEU A 382 -26.99 14.86 33.45
CA LEU A 382 -27.32 14.55 32.06
C LEU A 382 -27.13 15.77 31.17
N GLU A 383 -27.53 16.95 31.64
CA GLU A 383 -27.42 18.14 30.79
C GLU A 383 -25.96 18.44 30.44
N GLU A 384 -25.01 17.93 31.22
CA GLU A 384 -23.60 18.16 30.92
C GLU A 384 -22.92 16.95 30.27
N LYS A 385 -23.41 15.73 30.54
CA LYS A 385 -23.05 14.59 29.71
C LYS A 385 -23.40 14.80 28.24
N LEU A 386 -24.20 15.82 27.93
CA LEU A 386 -24.70 16.11 26.60
C LEU A 386 -23.93 17.21 25.90
N GLN A 387 -23.50 18.24 26.63
CA GLN A 387 -22.47 19.13 26.08
C GLN A 387 -21.15 18.41 25.97
N GLU A 388 -21.01 17.26 26.64
CA GLU A 388 -19.83 16.41 26.52
C GLU A 388 -19.80 15.71 25.16
N LEU A 389 -20.84 14.93 24.86
CA LEU A 389 -20.88 14.22 23.58
C LEU A 389 -20.80 15.19 22.42
N GLU A 390 -21.72 16.16 22.37
CA GLU A 390 -21.76 17.12 21.27
C GLU A 390 -20.43 17.84 21.07
N ALA A 391 -19.54 17.79 22.07
CA ALA A 391 -18.21 18.39 21.98
C ALA A 391 -17.19 17.49 21.27
N ASN A 392 -17.25 16.17 21.48
CA ASN A 392 -16.35 15.17 20.89
C ASN A 392 -17.37 14.58 19.90
N PRO A 393 -17.35 14.96 18.63
CA PRO A 393 -17.89 14.15 17.55
C PRO A 393 -16.80 13.31 16.93
N PRO A 394 -17.12 12.13 16.43
CA PRO A 394 -16.19 11.44 15.53
C PRO A 394 -15.99 12.27 14.26
N SER A 395 -14.94 11.94 13.52
CA SER A 395 -14.60 12.73 12.35
C SER A 395 -15.74 12.68 11.33
N ASP A 396 -15.86 13.76 10.55
CA ASP A 396 -17.05 13.96 9.73
C ASP A 396 -17.01 13.12 8.46
N VAL A 397 -15.83 12.96 7.87
CA VAL A 397 -15.64 12.18 6.65
C VAL A 397 -14.62 11.09 6.92
N TYR A 398 -14.54 10.14 5.99
CA TYR A 398 -13.31 9.39 5.84
C TYR A 398 -12.24 10.27 5.20
N LEU A 399 -12.48 10.66 3.96
CA LEU A 399 -11.52 11.50 3.24
C LEU A 399 -12.26 12.54 2.43
N SER A 400 -11.78 13.78 2.52
CA SER A 400 -12.22 14.92 1.72
C SER A 400 -11.59 14.87 0.35
N SER A 401 -12.10 15.71 -0.55
CA SER A 401 -11.50 15.82 -1.87
C SER A 401 -10.01 16.13 -1.78
N ARG A 402 -9.64 17.13 -0.99
CA ARG A 402 -8.23 17.47 -0.90
C ARG A 402 -7.41 16.27 -0.42
N ASP A 403 -7.97 15.46 0.50
CA ASP A 403 -7.25 14.26 0.92
C ASP A 403 -7.15 13.26 -0.23
N ARG A 404 -8.29 12.92 -0.83
CA ARG A 404 -8.33 11.87 -1.84
C ARG A 404 -7.51 12.23 -3.08
N GLN A 405 -7.53 13.49 -3.50
CA GLN A 405 -6.66 13.86 -4.61
C GLN A 405 -5.19 13.71 -4.23
N ILE A 406 -4.87 13.73 -2.94
CA ILE A 406 -3.49 13.52 -2.53
C ILE A 406 -3.21 12.03 -2.40
N LEU A 407 -4.20 11.27 -1.93
CA LEU A 407 -4.05 9.82 -1.88
C LEU A 407 -3.89 9.26 -3.30
N ASP A 408 -4.58 9.89 -4.26
CA ASP A 408 -4.44 9.47 -5.64
C ASP A 408 -2.99 9.55 -6.09
N TRP A 409 -2.27 10.57 -5.65
CA TRP A 409 -0.89 10.71 -6.10
C TRP A 409 -0.05 9.51 -5.69
N HIS A 410 -0.29 8.96 -4.50
CA HIS A 410 0.42 7.75 -4.13
C HIS A 410 -0.01 6.55 -4.97
N PHE A 411 -1.20 6.58 -5.53
CA PHE A 411 -1.58 5.53 -6.47
C PHE A 411 -0.91 5.72 -7.81
N ALA A 412 -0.89 6.94 -8.31
CA ALA A 412 -0.05 7.23 -9.46
C ALA A 412 1.36 6.71 -9.24
N ASN A 413 1.92 6.89 -8.05
CA ASN A 413 3.26 6.38 -7.80
C ASN A 413 3.33 4.86 -7.91
N LEU A 414 2.30 4.15 -7.45
CA LEU A 414 2.23 2.71 -7.66
C LEU A 414 2.03 2.38 -9.13
N GLU A 415 1.13 3.10 -9.80
CA GLU A 415 0.92 2.87 -11.21
C GLU A 415 2.16 3.18 -12.02
N PHE A 416 3.04 4.04 -11.52
CA PHE A 416 4.32 4.20 -12.22
C PHE A 416 5.22 3.02 -11.95
N ALA A 417 5.33 2.58 -10.71
CA ALA A 417 6.21 1.46 -10.41
C ALA A 417 5.85 0.22 -11.22
N ASN A 418 4.59 0.05 -11.56
CA ASN A 418 4.17 -1.12 -12.30
C ASN A 418 3.87 -0.81 -13.76
N ALA A 419 3.93 0.46 -14.14
CA ALA A 419 3.56 0.89 -15.48
C ALA A 419 2.19 0.35 -15.88
N THR A 420 1.20 0.44 -14.99
CA THR A 420 -0.13 0.00 -15.38
C THR A 420 -1.17 0.53 -14.39
N PRO A 421 -2.39 0.74 -14.85
CA PRO A 421 -3.54 0.91 -13.95
C PRO A 421 -3.60 -0.17 -12.88
N LEU A 422 -3.79 0.27 -11.62
CA LEU A 422 -3.94 -0.70 -10.54
C LEU A 422 -5.09 -1.67 -10.79
N SER A 423 -6.00 -1.35 -11.70
CA SER A 423 -7.08 -2.25 -12.03
C SER A 423 -6.62 -3.46 -12.82
N THR A 424 -5.39 -3.45 -13.34
CA THR A 424 -4.82 -4.59 -14.06
C THR A 424 -3.86 -5.43 -13.22
N LEU A 425 -3.30 -4.87 -12.13
CA LEU A 425 -2.33 -5.59 -11.29
C LEU A 425 -2.97 -6.77 -10.58
N SER A 426 -2.20 -7.84 -10.39
CA SER A 426 -2.64 -8.95 -9.57
C SER A 426 -2.55 -8.56 -8.10
N LEU A 427 -3.64 -8.74 -7.37
CA LEU A 427 -3.58 -8.46 -5.94
C LEU A 427 -2.51 -9.31 -5.26
N LYS A 428 -2.65 -10.64 -5.35
CA LYS A 428 -1.76 -11.50 -4.59
C LYS A 428 -0.29 -11.25 -4.92
N HIS A 429 0.03 -11.03 -6.19
CA HIS A 429 1.38 -11.24 -6.69
C HIS A 429 2.07 -10.00 -7.23
N TRP A 430 1.39 -8.85 -7.34
CA TRP A 430 2.04 -7.70 -7.92
C TRP A 430 3.41 -7.44 -7.30
N ASP A 431 3.52 -7.56 -5.98
CA ASP A 431 4.75 -7.24 -5.26
C ASP A 431 5.60 -8.48 -4.98
N GLN A 432 5.36 -9.58 -5.71
CA GLN A 432 5.94 -10.86 -5.36
C GLN A 432 7.46 -10.89 -5.43
N ASP A 433 8.11 -9.85 -5.93
CA ASP A 433 9.56 -9.88 -6.01
C ASP A 433 10.23 -8.98 -5.00
N ASP A 434 9.44 -8.35 -4.12
CA ASP A 434 9.94 -7.44 -3.09
C ASP A 434 11.07 -8.02 -2.25
N ASP A 435 11.02 -9.32 -1.98
CA ASP A 435 12.10 -9.97 -1.26
C ASP A 435 13.48 -9.64 -1.84
N PHE A 436 13.59 -9.46 -3.15
CA PHE A 436 14.93 -9.36 -3.71
C PHE A 436 15.35 -7.92 -3.90
N GLU A 437 14.63 -6.99 -3.27
CA GLU A 437 14.97 -5.58 -3.27
C GLU A 437 16.44 -5.40 -2.94
N PHE A 438 17.08 -4.46 -3.62
CA PHE A 438 18.45 -4.15 -3.29
C PHE A 438 18.51 -3.22 -2.08
N THR A 439 19.72 -2.99 -1.58
CA THR A 439 19.90 -2.01 -0.52
C THR A 439 20.66 -0.80 -1.07
N GLY A 440 20.56 0.32 -0.37
CA GLY A 440 21.32 1.50 -0.70
C GLY A 440 20.50 2.54 -1.45
N SER A 441 21.13 3.71 -1.61
CA SER A 441 20.45 4.82 -2.27
C SER A 441 20.18 4.44 -3.73
N HIS A 442 19.05 4.85 -4.24
CA HIS A 442 18.89 4.80 -5.66
C HIS A 442 19.80 5.84 -6.31
N LEU A 443 20.13 5.63 -7.58
CA LEU A 443 21.08 6.52 -8.27
C LEU A 443 20.64 6.78 -9.70
N THR A 444 21.27 7.79 -10.28
CA THR A 444 21.11 8.15 -11.67
C THR A 444 22.47 8.07 -12.34
N VAL A 445 22.47 7.77 -13.63
CA VAL A 445 23.71 7.79 -14.40
C VAL A 445 23.75 9.15 -15.07
N ARG A 446 24.67 9.98 -14.58
CA ARG A 446 24.58 11.40 -14.86
C ARG A 446 25.01 11.71 -16.29
N ASN A 447 25.86 10.85 -16.88
CA ASN A 447 26.22 10.98 -18.29
C ASN A 447 25.33 10.18 -19.21
N GLY A 448 24.21 9.66 -18.71
CA GLY A 448 23.25 8.96 -19.54
C GLY A 448 23.41 7.46 -19.41
N TYR A 449 22.30 6.76 -19.18
CA TYR A 449 22.37 5.31 -18.99
C TYR A 449 22.88 4.57 -20.24
N SER A 450 22.60 5.09 -21.44
CA SER A 450 23.06 4.44 -22.67
C SER A 450 24.55 4.16 -22.66
N CYS A 451 25.33 4.87 -21.83
CA CYS A 451 26.76 4.59 -21.85
C CYS A 451 27.07 3.18 -21.40
N VAL A 452 26.08 2.45 -20.86
CA VAL A 452 26.26 1.07 -20.41
C VAL A 452 26.00 0.10 -21.56
N PRO A 453 24.81 0.06 -22.20
CA PRO A 453 24.69 -0.80 -23.39
C PRO A 453 25.79 -0.56 -24.38
N VAL A 454 26.13 0.72 -24.61
CA VAL A 454 27.20 1.04 -25.55
C VAL A 454 28.49 0.35 -25.15
N ALA A 455 28.92 0.54 -23.90
CA ALA A 455 30.14 -0.11 -23.45
C ALA A 455 30.08 -1.61 -23.66
N LEU A 456 28.92 -2.22 -23.36
CA LEU A 456 28.78 -3.67 -23.49
C LEU A 456 28.92 -4.12 -24.93
N ALA A 457 28.42 -3.31 -25.87
CA ALA A 457 28.45 -3.66 -27.27
C ALA A 457 29.86 -3.78 -27.84
N GLU A 458 30.87 -3.16 -27.22
CA GLU A 458 32.23 -3.22 -27.72
C GLU A 458 32.71 -4.66 -27.94
N GLY A 459 33.20 -4.92 -29.15
CA GLY A 459 33.76 -6.21 -29.52
C GLY A 459 32.80 -7.20 -30.13
N LEU A 460 31.57 -6.79 -30.41
CA LEU A 460 30.50 -7.73 -30.73
C LEU A 460 30.00 -7.55 -32.15
N ASP A 461 29.58 -8.65 -32.75
CA ASP A 461 29.01 -8.67 -34.10
C ASP A 461 27.53 -8.27 -34.02
N ILE A 462 27.23 -7.02 -34.34
CA ILE A 462 25.90 -6.47 -34.14
C ILE A 462 25.41 -5.94 -35.47
N LYS A 463 24.27 -6.46 -35.93
CA LYS A 463 23.67 -6.01 -37.17
C LYS A 463 22.50 -5.10 -36.83
N LEU A 464 22.59 -3.83 -37.23
CA LEU A 464 21.55 -2.85 -36.96
C LEU A 464 20.60 -2.66 -38.16
N ASN A 465 19.45 -2.08 -37.88
CA ASN A 465 18.40 -1.92 -38.87
C ASN A 465 18.00 -3.26 -39.45
N THR A 466 18.10 -4.30 -38.63
CA THR A 466 17.83 -5.67 -39.03
C THR A 466 16.63 -6.12 -38.22
N ALA A 467 15.46 -6.08 -38.82
CA ALA A 467 14.24 -6.44 -38.13
C ALA A 467 14.00 -7.92 -38.35
N VAL A 468 14.13 -8.71 -37.30
CA VAL A 468 13.80 -10.10 -37.42
C VAL A 468 12.30 -10.24 -37.70
N ARG A 469 11.95 -11.33 -38.37
CA ARG A 469 10.64 -11.42 -38.97
C ARG A 469 10.07 -12.81 -38.75
N GLN A 470 10.93 -13.81 -38.85
CA GLN A 470 10.50 -15.18 -38.68
C GLN A 470 11.64 -15.94 -38.03
N VAL A 471 11.28 -16.80 -37.09
CA VAL A 471 12.23 -17.65 -36.41
C VAL A 471 11.81 -19.09 -36.67
N ARG A 472 12.69 -19.83 -37.37
CA ARG A 472 12.50 -21.23 -37.73
C ARG A 472 13.46 -22.08 -36.90
N TYR A 473 12.92 -23.00 -36.10
CA TYR A 473 13.76 -23.80 -35.19
C TYR A 473 13.39 -25.26 -35.43
N THR A 474 14.41 -26.08 -35.70
CA THR A 474 14.18 -27.43 -36.19
C THR A 474 15.15 -28.37 -35.53
N ALA A 475 14.82 -29.67 -35.62
CA ALA A 475 15.68 -30.66 -34.98
C ALA A 475 17.15 -30.43 -35.33
N SER A 476 17.46 -29.96 -36.53
CA SER A 476 18.85 -29.84 -36.96
C SER A 476 19.46 -28.45 -36.74
N GLY A 477 18.67 -27.45 -36.36
CA GLY A 477 19.22 -26.11 -36.20
C GLY A 477 18.17 -25.05 -36.55
N CYS A 478 18.65 -23.84 -36.83
CA CYS A 478 17.77 -22.68 -36.80
C CYS A 478 18.09 -21.72 -37.94
N GLU A 479 17.04 -21.25 -38.64
CA GLU A 479 17.13 -20.11 -39.55
C GLU A 479 16.24 -18.97 -39.04
N VAL A 480 16.79 -17.77 -39.09
CA VAL A 480 16.06 -16.57 -38.72
C VAL A 480 16.12 -15.64 -39.91
N ILE A 481 14.95 -15.26 -40.43
CA ILE A 481 14.84 -14.34 -41.55
C ILE A 481 14.64 -12.92 -41.02
N ALA A 482 15.49 -12.00 -41.47
CA ALA A 482 15.32 -10.59 -41.14
C ALA A 482 15.31 -9.74 -42.42
N VAL A 483 14.59 -8.61 -42.35
CA VAL A 483 14.58 -7.62 -43.39
C VAL A 483 15.38 -6.41 -42.91
N ASN A 484 15.74 -5.54 -43.84
CA ASN A 484 16.43 -4.30 -43.49
C ASN A 484 15.40 -3.19 -43.32
N THR A 485 15.37 -2.57 -42.14
CA THR A 485 14.28 -1.65 -41.79
C THR A 485 14.20 -0.47 -42.75
N ARG A 486 15.33 -0.02 -43.29
CA ARG A 486 15.35 1.13 -44.17
C ARG A 486 14.72 0.82 -45.52
N SER A 487 15.37 -0.07 -46.28
CA SER A 487 14.81 -0.60 -47.53
C SER A 487 14.24 -1.95 -47.19
N THR A 488 12.95 -1.98 -46.80
CA THR A 488 12.36 -3.21 -46.28
C THR A 488 12.91 -4.28 -47.23
N SER A 489 12.94 -3.99 -48.54
CA SER A 489 13.24 -4.98 -49.56
C SER A 489 14.41 -5.99 -49.58
N GLN A 490 15.59 -5.59 -49.10
CA GLN A 490 16.72 -6.44 -48.74
C GLN A 490 16.62 -7.45 -47.60
N THR A 491 16.46 -8.72 -47.94
CA THR A 491 16.09 -9.77 -47.01
C THR A 491 17.34 -10.54 -46.60
N PHE A 492 17.34 -11.05 -45.37
CA PHE A 492 18.50 -11.69 -44.77
C PHE A 492 18.15 -13.06 -44.20
N ILE A 493 19.07 -13.99 -44.32
CA ILE A 493 18.92 -15.34 -43.83
C ILE A 493 20.08 -15.62 -42.90
N TYR A 494 19.78 -16.10 -41.70
CA TYR A 494 20.77 -16.35 -40.66
C TYR A 494 20.55 -17.77 -40.15
N LYS A 495 21.56 -18.62 -40.31
CA LYS A 495 21.51 -19.99 -39.85
C LYS A 495 22.39 -20.15 -38.62
N CYS A 496 21.97 -21.01 -37.69
CA CYS A 496 22.64 -21.09 -36.39
C CYS A 496 22.17 -22.34 -35.62
N ASP A 497 22.95 -22.69 -34.58
CA ASP A 497 22.60 -23.82 -33.71
C ASP A 497 21.48 -23.50 -32.75
N ALA A 498 21.36 -22.24 -32.33
CA ALA A 498 20.32 -21.83 -31.39
C ALA A 498 20.11 -20.32 -31.47
N VAL A 499 18.89 -19.93 -31.14
CA VAL A 499 18.48 -18.54 -31.13
C VAL A 499 18.13 -18.15 -29.70
N LEU A 500 18.71 -17.04 -29.26
CA LEU A 500 18.34 -16.40 -28.01
C LEU A 500 17.44 -15.21 -28.32
N CYS A 501 16.20 -15.29 -27.84
CA CYS A 501 15.19 -14.27 -28.11
C CYS A 501 15.05 -13.32 -26.92
N THR A 502 15.52 -12.08 -27.07
CA THR A 502 15.28 -11.05 -26.07
C THR A 502 14.26 -10.03 -26.56
N LEU A 503 13.37 -10.46 -27.43
CA LEU A 503 12.32 -9.58 -27.92
C LEU A 503 11.45 -9.10 -26.76
N PRO A 504 11.20 -7.79 -26.67
CA PRO A 504 10.33 -7.28 -25.59
C PRO A 504 8.98 -7.96 -25.53
N LEU A 505 8.47 -8.13 -24.30
CA LEU A 505 7.24 -8.89 -24.07
C LEU A 505 6.08 -8.30 -24.86
N GLY A 506 6.15 -7.02 -25.17
CA GLY A 506 5.07 -6.37 -25.87
C GLY A 506 5.13 -6.70 -27.34
N VAL A 507 6.37 -6.76 -27.85
CA VAL A 507 6.60 -7.25 -29.21
C VAL A 507 6.04 -8.65 -29.35
N LEU A 508 6.32 -9.52 -28.38
CA LEU A 508 5.82 -10.88 -28.45
C LEU A 508 4.30 -10.94 -28.35
N LYS A 509 3.70 -9.91 -27.79
CA LYS A 509 2.26 -9.95 -27.60
C LYS A 509 1.52 -9.46 -28.84
N GLN A 510 2.20 -8.68 -29.68
CA GLN A 510 1.63 -8.03 -30.86
C GLN A 510 0.65 -8.93 -31.59
N GLN A 511 -0.53 -8.39 -31.88
CA GLN A 511 -1.51 -9.03 -32.76
C GLN A 511 -1.82 -8.10 -33.94
N PRO A 512 -1.43 -8.47 -35.18
CA PRO A 512 -0.86 -9.76 -35.57
C PRO A 512 0.62 -9.85 -35.26
N PRO A 513 1.16 -11.06 -35.24
CA PRO A 513 2.58 -11.25 -34.90
C PRO A 513 3.48 -10.32 -35.69
N ALA A 514 4.32 -9.57 -34.99
CA ALA A 514 5.41 -8.90 -35.66
C ALA A 514 6.54 -9.85 -35.97
N VAL A 515 6.54 -11.03 -35.34
CA VAL A 515 7.52 -12.09 -35.60
C VAL A 515 6.79 -13.43 -35.61
N GLN A 516 7.06 -14.21 -36.64
CA GLN A 516 6.49 -15.52 -36.84
C GLN A 516 7.45 -16.59 -36.29
N PHE A 517 6.93 -17.49 -35.46
CA PHE A 517 7.75 -18.59 -35.00
C PHE A 517 7.35 -19.82 -35.79
N VAL A 518 8.36 -20.51 -36.31
CA VAL A 518 8.12 -21.69 -37.14
C VAL A 518 8.94 -22.81 -36.52
N PRO A 519 8.29 -23.81 -35.91
CA PRO A 519 6.83 -23.95 -35.71
C PRO A 519 6.25 -23.01 -34.68
N PRO A 520 4.93 -22.85 -34.62
CA PRO A 520 4.35 -21.95 -33.62
C PRO A 520 4.80 -22.34 -32.23
N LEU A 521 4.92 -21.35 -31.34
CA LEU A 521 5.24 -21.64 -29.95
C LEU A 521 4.14 -22.50 -29.34
N PRO A 522 4.51 -23.41 -28.43
CA PRO A 522 3.50 -24.29 -27.81
C PRO A 522 2.52 -23.51 -26.95
N GLU A 523 1.36 -24.13 -26.71
CA GLU A 523 0.27 -23.42 -26.04
C GLU A 523 0.71 -22.93 -24.67
N TRP A 524 1.51 -23.73 -23.96
CA TRP A 524 1.96 -23.33 -22.63
C TRP A 524 2.77 -22.06 -22.66
N LYS A 525 3.52 -21.81 -23.72
CA LYS A 525 4.23 -20.54 -23.76
C LYS A 525 3.32 -19.40 -24.16
N THR A 526 2.53 -19.57 -25.22
CA THR A 526 1.71 -18.45 -25.70
C THR A 526 0.63 -18.08 -24.69
N SER A 527 0.21 -19.04 -23.87
CA SER A 527 -0.74 -18.69 -22.81
C SER A 527 -0.08 -17.82 -21.76
N ALA A 528 1.16 -18.15 -21.40
CA ALA A 528 1.89 -17.29 -20.48
C ALA A 528 2.10 -15.91 -21.07
N VAL A 529 2.14 -15.80 -22.40
CA VAL A 529 2.39 -14.50 -23.01
C VAL A 529 1.19 -13.60 -22.84
N GLN A 530 -0.03 -14.14 -22.99
CA GLN A 530 -1.21 -13.29 -22.80
C GLN A 530 -1.34 -12.90 -21.34
N ARG A 531 -1.23 -13.89 -20.45
CA ARG A 531 -1.47 -13.65 -19.05
C ARG A 531 -0.55 -12.58 -18.51
N MET A 532 0.70 -12.62 -18.92
CA MET A 532 1.66 -11.62 -18.46
C MET A 532 1.18 -10.22 -18.80
N GLY A 533 1.65 -9.27 -18.01
CA GLY A 533 1.29 -7.89 -18.21
C GLY A 533 2.47 -7.16 -18.83
N PHE A 534 2.16 -6.38 -19.84
CA PHE A 534 3.12 -5.44 -20.39
C PHE A 534 2.41 -4.11 -20.35
N GLY A 535 2.95 -3.18 -19.58
CA GLY A 535 2.34 -1.89 -19.39
C GLY A 535 3.14 -0.77 -20.02
N ASN A 536 2.70 0.45 -19.70
CA ASN A 536 3.15 1.67 -20.35
C ASN A 536 3.51 2.70 -19.28
N LEU A 537 4.56 3.46 -19.56
CA LEU A 537 4.85 4.70 -18.85
C LEU A 537 5.80 5.52 -19.71
N ASN A 538 5.53 6.83 -19.82
CA ASN A 538 6.23 7.74 -20.73
C ASN A 538 6.92 8.86 -19.97
N LYS A 539 7.74 9.64 -20.67
CA LYS A 539 8.53 10.69 -20.05
C LYS A 539 8.53 11.95 -20.90
N VAL A 540 8.41 13.11 -20.26
CA VAL A 540 8.53 14.40 -20.95
C VAL A 540 9.79 15.10 -20.45
N VAL A 541 10.62 15.58 -21.36
CA VAL A 541 11.92 16.14 -21.01
C VAL A 541 11.96 17.60 -21.43
N LEU A 542 12.34 18.46 -20.49
CA LEU A 542 12.34 19.91 -20.68
C LEU A 542 13.73 20.45 -20.42
N CYS A 543 14.31 21.09 -21.44
CA CYS A 543 15.64 21.68 -21.36
C CYS A 543 15.51 23.20 -21.35
N PHE A 544 16.18 23.83 -20.39
CA PHE A 544 16.06 25.25 -20.19
C PHE A 544 17.43 25.90 -20.25
N ASP A 545 17.44 27.23 -20.34
CA ASP A 545 18.66 28.01 -20.28
C ASP A 545 18.98 28.49 -18.87
N ARG A 546 18.21 28.10 -17.86
CA ARG A 546 18.57 28.51 -16.50
C ARG A 546 17.83 27.66 -15.48
N VAL A 547 18.52 27.41 -14.36
CA VAL A 547 17.91 26.69 -13.26
C VAL A 547 16.89 27.60 -12.59
N PHE A 548 15.62 27.23 -12.65
CA PHE A 548 14.58 27.96 -11.95
C PHE A 548 13.94 27.17 -10.82
N TRP A 549 14.35 25.93 -10.59
CA TRP A 549 13.74 25.11 -9.57
C TRP A 549 14.66 25.07 -8.36
N ASP A 550 14.39 24.18 -7.43
CA ASP A 550 15.33 24.10 -6.32
C ASP A 550 16.45 23.11 -6.66
N PRO A 551 17.66 23.61 -6.95
CA PRO A 551 18.74 22.71 -7.43
C PRO A 551 19.18 21.67 -6.44
N SER A 552 18.80 21.74 -5.19
CA SER A 552 19.25 20.77 -4.20
C SER A 552 18.19 19.73 -3.88
N VAL A 553 17.13 19.68 -4.66
CA VAL A 553 16.12 18.64 -4.48
C VAL A 553 15.93 17.97 -5.83
N ASN A 554 16.00 16.64 -5.84
CA ASN A 554 16.07 15.92 -7.10
C ASN A 554 14.71 15.63 -7.69
N LEU A 555 13.65 15.66 -6.89
CA LEU A 555 12.34 15.30 -7.40
C LEU A 555 11.27 16.12 -6.70
N PHE A 556 10.06 16.07 -7.24
CA PHE A 556 8.90 16.71 -6.63
C PHE A 556 7.64 16.28 -7.35
N GLY A 557 6.52 16.29 -6.62
CA GLY A 557 5.27 15.78 -7.14
C GLY A 557 4.38 16.90 -7.63
N HIS A 558 3.42 16.53 -8.47
CA HIS A 558 2.28 17.36 -8.84
C HIS A 558 1.03 16.53 -8.59
N VAL A 559 0.02 17.14 -8.04
CA VAL A 559 -1.16 16.39 -7.65
C VAL A 559 -2.26 16.64 -8.66
N GLY A 560 -2.96 15.57 -9.02
CA GLY A 560 -3.98 15.66 -10.04
C GLY A 560 -5.34 15.95 -9.45
N SER A 561 -6.11 16.73 -10.22
CA SER A 561 -7.45 17.11 -9.80
C SER A 561 -8.40 15.92 -9.86
N THR A 562 -8.33 15.17 -10.94
CA THR A 562 -9.17 14.00 -11.10
C THR A 562 -8.43 12.76 -10.69
N THR A 563 -9.21 11.72 -10.36
CA THR A 563 -8.64 10.39 -10.31
C THR A 563 -8.12 9.98 -11.68
N ALA A 564 -8.89 10.29 -12.73
CA ALA A 564 -8.48 9.93 -14.08
C ALA A 564 -7.14 10.55 -14.43
N SER A 565 -7.00 11.86 -14.23
CA SER A 565 -5.74 12.51 -14.57
C SER A 565 -4.64 12.27 -13.52
N ARG A 566 -4.80 11.31 -12.59
CA ARG A 566 -3.82 11.18 -11.52
C ARG A 566 -2.44 10.82 -12.06
N GLY A 567 -2.39 10.13 -13.20
CA GLY A 567 -1.11 9.80 -13.81
C GLY A 567 -0.46 10.96 -14.55
N GLU A 568 -1.27 11.88 -15.10
CA GLU A 568 -0.75 12.94 -15.97
C GLU A 568 0.16 14.08 -15.53
N LEU A 569 1.43 13.93 -15.87
CA LEU A 569 2.56 14.75 -15.43
C LEU A 569 2.72 14.82 -13.90
N PHE A 570 2.54 13.69 -13.20
CA PHE A 570 2.52 13.66 -11.74
C PHE A 570 3.86 13.63 -11.02
N LEU A 571 5.00 13.72 -11.69
CA LEU A 571 6.25 13.55 -10.95
C LEU A 571 7.39 14.14 -11.76
N PHE A 572 8.27 14.90 -11.12
CA PHE A 572 9.32 15.61 -11.83
C PHE A 572 10.67 15.23 -11.25
N TRP A 573 11.71 15.31 -12.10
CA TRP A 573 13.05 14.92 -11.71
C TRP A 573 14.03 16.00 -12.17
N ASN A 574 14.86 16.48 -11.23
CA ASN A 574 16.03 17.28 -11.57
C ASN A 574 17.22 16.35 -11.34
N LEU A 575 17.85 15.92 -12.43
CA LEU A 575 18.82 14.84 -12.31
C LEU A 575 20.16 15.09 -12.98
N TYR A 576 20.22 15.96 -13.98
CA TYR A 576 21.43 16.05 -14.79
C TYR A 576 22.09 17.39 -14.57
N LYS A 577 23.34 17.47 -15.02
CA LYS A 577 24.14 18.68 -14.82
C LYS A 577 23.50 19.88 -15.53
N ALA A 578 23.10 19.69 -16.78
CA ALA A 578 22.40 20.74 -17.50
C ALA A 578 21.06 21.06 -16.82
N PRO A 579 20.54 22.24 -17.08
CA PRO A 579 19.21 22.59 -16.56
C PRO A 579 18.08 21.81 -17.22
N ILE A 580 17.88 20.58 -16.78
CA ILE A 580 16.87 19.70 -17.36
C ILE A 580 15.88 19.32 -16.28
N LEU A 581 14.61 19.48 -16.58
CA LEU A 581 13.54 18.91 -15.78
C LEU A 581 12.85 17.83 -16.60
N LEU A 582 12.49 16.75 -15.92
CA LEU A 582 11.95 15.55 -16.56
C LEU A 582 10.72 15.10 -15.78
N ALA A 583 9.63 14.85 -16.52
CA ALA A 583 8.32 14.61 -15.92
C ALA A 583 7.77 13.24 -16.31
N LEU A 584 7.16 12.54 -15.37
CA LEU A 584 6.59 11.24 -15.66
C LEU A 584 5.12 11.36 -16.05
N VAL A 585 4.67 10.41 -16.89
CA VAL A 585 3.28 10.29 -17.34
C VAL A 585 2.91 8.83 -17.17
N ALA A 586 2.30 8.47 -16.05
CA ALA A 586 2.08 7.05 -15.81
C ALA A 586 0.57 6.73 -15.80
N GLY A 587 0.27 5.52 -15.35
CA GLY A 587 -1.11 5.20 -15.06
C GLY A 587 -1.91 5.03 -16.34
N GLU A 588 -3.20 5.40 -16.27
CA GLU A 588 -4.00 5.44 -17.49
C GLU A 588 -3.59 6.59 -18.41
N ALA A 589 -3.04 7.67 -17.83
CA ALA A 589 -2.56 8.79 -18.62
C ALA A 589 -1.47 8.39 -19.60
N ALA A 590 -0.71 7.35 -19.28
CA ALA A 590 0.41 6.92 -20.12
C ALA A 590 -0.04 6.70 -21.56
N GLY A 591 -1.03 5.80 -21.74
CA GLY A 591 -1.51 5.50 -23.08
C GLY A 591 -2.21 6.66 -23.74
N ILE A 592 -2.87 7.51 -22.95
CA ILE A 592 -3.63 8.64 -23.53
C ILE A 592 -2.70 9.66 -24.14
N MET A 593 -1.73 10.13 -23.36
CA MET A 593 -0.95 11.28 -23.80
C MET A 593 -0.13 10.99 -25.05
N GLU A 594 -0.02 9.73 -25.48
CA GLU A 594 0.64 9.46 -26.75
C GLU A 594 -0.14 10.04 -27.93
N ASN A 595 -1.48 10.04 -27.84
CA ASN A 595 -2.35 10.63 -28.87
C ASN A 595 -2.25 12.13 -29.00
N ILE A 596 -1.59 12.81 -28.08
CA ILE A 596 -1.63 14.26 -27.97
C ILE A 596 -0.26 14.79 -28.36
N SER A 597 -0.24 15.84 -29.19
CA SER A 597 1.02 16.34 -29.72
C SER A 597 1.93 16.79 -28.58
N ASP A 598 3.24 16.79 -28.86
CA ASP A 598 4.22 17.25 -27.87
C ASP A 598 3.83 18.60 -27.32
N ASP A 599 3.50 19.53 -28.21
CA ASP A 599 3.27 20.91 -27.83
C ASP A 599 2.17 21.03 -26.78
N VAL A 600 1.00 20.42 -27.04
CA VAL A 600 -0.05 20.35 -26.03
C VAL A 600 0.49 19.80 -24.71
N ILE A 601 1.36 18.80 -24.79
CA ILE A 601 1.85 18.14 -23.59
C ILE A 601 2.88 19.00 -22.89
N VAL A 602 3.89 19.47 -23.62
CA VAL A 602 4.79 20.47 -23.06
C VAL A 602 4.02 21.66 -22.54
N GLY A 603 2.85 21.93 -23.11
CA GLY A 603 1.92 22.92 -22.57
C GLY A 603 1.52 22.60 -21.14
N ARG A 604 0.70 21.55 -20.96
CA ARG A 604 0.29 21.15 -19.62
C ARG A 604 1.47 21.05 -18.67
N CYS A 605 2.64 20.73 -19.22
CA CYS A 605 3.86 20.63 -18.42
C CYS A 605 4.30 21.99 -17.92
N LEU A 606 4.48 22.94 -18.84
CA LEU A 606 4.87 24.28 -18.43
C LEU A 606 3.78 24.93 -17.58
N ALA A 607 2.52 24.57 -17.82
CA ALA A 607 1.42 25.06 -16.99
C ALA A 607 1.64 24.65 -15.53
N ILE A 608 1.74 23.34 -15.29
CA ILE A 608 1.95 22.86 -13.93
C ILE A 608 3.18 23.51 -13.33
N LEU A 609 4.24 23.66 -14.13
CA LEU A 609 5.45 24.28 -13.59
C LEU A 609 5.24 25.74 -13.22
N LYS A 610 4.47 26.48 -14.03
CA LYS A 610 4.21 27.89 -13.74
C LYS A 610 3.45 28.06 -12.42
N GLY A 611 2.37 27.29 -12.24
CA GLY A 611 1.67 27.31 -10.96
C GLY A 611 2.60 27.10 -9.79
N ILE A 612 3.60 26.23 -9.96
CA ILE A 612 4.45 25.86 -8.83
C ILE A 612 5.40 26.99 -8.51
N PHE A 613 6.03 27.54 -9.52
CA PHE A 613 7.19 28.39 -9.36
C PHE A 613 6.96 29.81 -9.84
N GLY A 614 5.75 30.14 -10.34
CA GLY A 614 5.51 31.49 -10.78
C GLY A 614 5.65 31.76 -12.27
N SER A 615 4.59 32.34 -12.86
CA SER A 615 4.48 32.49 -14.31
C SER A 615 5.60 33.31 -14.95
N SER A 616 6.48 33.92 -14.16
CA SER A 616 7.55 34.73 -14.72
C SER A 616 8.94 34.14 -14.53
N ALA A 617 9.06 33.06 -13.76
CA ALA A 617 10.34 32.39 -13.57
C ALA A 617 10.51 31.15 -14.45
N VAL A 618 9.58 30.90 -15.36
CA VAL A 618 9.52 29.67 -16.14
C VAL A 618 9.69 30.03 -17.61
N PRO A 619 10.90 29.90 -18.15
CA PRO A 619 11.14 30.33 -19.53
C PRO A 619 10.64 29.29 -20.52
N GLN A 620 10.63 29.68 -21.80
CA GLN A 620 10.39 28.71 -22.86
C GLN A 620 11.50 27.67 -22.84
N PRO A 621 11.17 26.38 -22.97
CA PRO A 621 12.23 25.37 -23.03
C PRO A 621 13.00 25.44 -24.34
N LYS A 622 14.31 25.19 -24.24
CA LYS A 622 15.17 25.25 -25.40
C LYS A 622 14.97 24.05 -26.33
N GLU A 623 14.80 22.86 -25.74
CA GLU A 623 14.58 21.62 -26.47
C GLU A 623 13.60 20.76 -25.67
N THR A 624 12.66 20.09 -26.36
CA THR A 624 11.73 19.20 -25.68
C THR A 624 11.53 17.91 -26.48
N VAL A 625 11.18 16.85 -25.74
CA VAL A 625 11.21 15.43 -26.14
C VAL A 625 10.11 14.71 -25.38
N VAL A 626 9.14 14.10 -26.08
CA VAL A 626 8.13 13.29 -25.43
C VAL A 626 8.33 11.84 -25.87
N SER A 627 8.41 10.94 -24.89
CA SER A 627 8.48 9.52 -25.20
C SER A 627 7.10 9.00 -25.63
N ARG A 628 7.12 7.86 -26.38
CA ARG A 628 5.89 7.13 -26.76
C ARG A 628 6.26 5.64 -26.90
N TRP A 629 6.27 4.95 -25.77
CA TRP A 629 6.83 3.60 -25.75
C TRP A 629 5.82 2.56 -26.19
N ARG A 630 4.53 2.79 -25.98
CA ARG A 630 3.59 1.81 -26.52
C ARG A 630 3.51 1.92 -28.02
N ALA A 631 3.81 3.10 -28.55
CA ALA A 631 3.78 3.27 -29.99
C ALA A 631 5.02 2.69 -30.63
N ASP A 632 6.13 2.70 -29.91
CA ASP A 632 7.39 2.20 -30.43
C ASP A 632 7.27 0.77 -30.95
N PRO A 633 7.46 0.54 -32.25
CA PRO A 633 7.31 -0.83 -32.78
C PRO A 633 8.25 -1.86 -32.19
N TRP A 634 9.40 -1.44 -31.64
CA TRP A 634 10.38 -2.33 -31.07
C TRP A 634 10.25 -2.48 -29.55
N ALA A 635 9.36 -1.70 -28.93
CA ALA A 635 9.08 -1.82 -27.51
C ALA A 635 7.66 -2.32 -27.31
N ARG A 636 6.64 -1.55 -27.68
CA ARG A 636 5.24 -1.95 -27.59
C ARG A 636 4.78 -1.84 -26.14
N GLY A 637 5.39 -0.91 -25.42
CA GLY A 637 5.13 -0.82 -24.00
C GLY A 637 6.43 -0.51 -23.28
N SER A 638 6.37 -0.44 -21.96
CA SER A 638 7.48 0.04 -21.16
C SER A 638 8.21 -1.08 -20.43
N TYR A 639 7.53 -1.78 -19.52
CA TYR A 639 8.10 -3.00 -18.96
C TYR A 639 6.95 -3.85 -18.44
N SER A 640 7.30 -5.03 -17.92
CA SER A 640 6.29 -6.02 -17.59
C SER A 640 5.80 -5.85 -16.16
N TYR A 641 4.73 -6.57 -15.84
CA TYR A 641 4.06 -6.44 -14.56
C TYR A 641 3.26 -7.72 -14.35
N VAL A 642 2.89 -7.98 -13.11
CA VAL A 642 2.19 -9.22 -12.78
C VAL A 642 0.71 -8.91 -12.90
N ALA A 643 0.17 -9.17 -14.08
CA ALA A 643 -1.23 -8.91 -14.32
C ALA A 643 -2.11 -9.80 -13.46
N ALA A 644 -3.32 -9.29 -13.20
CA ALA A 644 -4.34 -10.10 -12.55
C ALA A 644 -4.49 -11.40 -13.30
N GLY A 645 -4.60 -12.49 -12.56
CA GLY A 645 -4.64 -13.79 -13.18
C GLY A 645 -3.28 -14.34 -13.58
N SER A 646 -2.23 -13.53 -13.49
CA SER A 646 -0.88 -14.03 -13.66
C SER A 646 -0.26 -14.34 -12.31
N SER A 647 0.95 -14.86 -12.34
CA SER A 647 1.79 -14.94 -11.17
C SER A 647 3.22 -14.69 -11.62
N GLY A 648 4.15 -14.64 -10.68
CA GLY A 648 5.53 -14.62 -11.07
C GLY A 648 6.01 -15.94 -11.60
N ASN A 649 5.21 -17.00 -11.47
CA ASN A 649 5.58 -18.25 -12.10
C ASN A 649 5.43 -18.16 -13.63
N ASP A 650 4.64 -17.21 -14.14
CA ASP A 650 4.63 -16.97 -15.57
C ASP A 650 5.96 -16.44 -16.03
N TYR A 651 6.65 -15.65 -15.21
CA TYR A 651 8.02 -15.26 -15.57
C TYR A 651 8.89 -16.47 -15.81
N ASP A 652 8.66 -17.54 -15.06
CA ASP A 652 9.52 -18.69 -15.20
C ASP A 652 9.18 -19.45 -16.47
N LEU A 653 7.88 -19.65 -16.74
CA LEU A 653 7.50 -20.22 -18.02
C LEU A 653 8.11 -19.42 -19.16
N MET A 654 8.07 -18.09 -19.04
CA MET A 654 8.65 -17.23 -20.06
C MET A 654 10.10 -17.60 -20.37
N ALA A 655 10.87 -18.03 -19.37
CA ALA A 655 12.28 -18.28 -19.59
C ALA A 655 12.61 -19.74 -20.00
N GLN A 656 11.61 -20.62 -20.13
CA GLN A 656 11.86 -22.02 -20.47
C GLN A 656 12.19 -22.16 -21.95
N PRO A 657 13.38 -22.66 -22.32
CA PRO A 657 13.71 -22.83 -23.75
C PRO A 657 12.76 -23.80 -24.44
N ILE A 658 12.74 -23.72 -25.78
CA ILE A 658 11.88 -24.56 -26.63
C ILE A 658 12.71 -25.63 -27.32
N THR A 659 12.21 -26.87 -27.29
CA THR A 659 12.87 -27.99 -27.96
C THR A 659 11.99 -28.48 -29.10
N PRO A 660 12.41 -28.25 -30.35
CA PRO A 660 11.62 -28.72 -31.50
C PRO A 660 11.55 -30.23 -31.55
N GLY A 661 10.46 -30.74 -32.14
CA GLY A 661 10.29 -32.16 -32.39
C GLY A 661 11.23 -32.77 -33.43
N PRO A 662 11.22 -34.09 -33.53
CA PRO A 662 12.21 -34.76 -34.39
C PRO A 662 12.00 -34.40 -35.86
N SER A 663 13.12 -34.31 -36.59
CA SER A 663 13.03 -34.19 -38.04
C SER A 663 12.44 -35.45 -38.65
N ILE A 664 13.09 -36.60 -38.42
CA ILE A 664 12.64 -37.91 -38.89
C ILE A 664 11.71 -38.51 -37.85
N PRO A 665 10.57 -39.12 -38.22
CA PRO A 665 9.72 -39.72 -37.18
C PRO A 665 10.43 -40.90 -36.52
N GLY A 666 10.36 -40.92 -35.19
CA GLY A 666 11.08 -41.89 -34.39
C GLY A 666 12.51 -41.53 -34.11
N ALA A 667 13.06 -40.52 -34.78
CA ALA A 667 14.36 -40.02 -34.37
C ALA A 667 14.24 -39.45 -32.95
N PRO A 668 15.31 -39.47 -32.18
CA PRO A 668 15.20 -39.17 -30.75
C PRO A 668 15.07 -37.68 -30.49
N GLN A 669 14.58 -37.38 -29.27
CA GLN A 669 14.21 -36.03 -28.84
C GLN A 669 15.42 -35.09 -28.87
N PRO A 670 15.36 -34.00 -29.64
CA PRO A 670 16.54 -33.16 -29.81
C PRO A 670 16.89 -32.36 -28.56
N ILE A 671 18.11 -31.85 -28.60
CA ILE A 671 18.57 -30.59 -28.04
C ILE A 671 17.89 -29.21 -28.15
N PRO A 672 17.51 -28.60 -27.02
CA PRO A 672 16.71 -27.36 -27.10
C PRO A 672 17.35 -26.36 -28.05
N ARG A 673 16.50 -25.64 -28.80
CA ARG A 673 17.00 -24.78 -29.88
C ARG A 673 16.71 -23.30 -29.68
N LEU A 674 15.67 -22.94 -28.92
CA LEU A 674 15.15 -21.58 -28.85
C LEU A 674 15.10 -21.15 -27.38
N PHE A 675 15.90 -20.13 -27.04
CA PHE A 675 16.04 -19.60 -25.70
C PHE A 675 15.46 -18.20 -25.57
N PHE A 676 15.18 -17.79 -24.32
CA PHE A 676 14.46 -16.55 -24.02
C PHE A 676 15.13 -15.82 -22.88
N ALA A 677 15.42 -14.54 -23.10
CA ALA A 677 15.99 -13.67 -22.08
C ALA A 677 15.24 -12.35 -22.11
N GLY A 678 15.61 -11.46 -21.21
CA GLY A 678 14.93 -10.19 -21.10
C GLY A 678 14.19 -10.06 -19.78
N GLU A 679 13.88 -8.80 -19.45
CA GLU A 679 13.28 -8.45 -18.17
C GLU A 679 12.00 -9.25 -17.90
N HIS A 680 11.22 -9.51 -18.91
CA HIS A 680 10.02 -10.30 -18.70
C HIS A 680 10.34 -11.78 -18.46
N THR A 681 11.59 -12.25 -18.37
CA THR A 681 11.88 -13.66 -18.08
C THR A 681 12.47 -13.91 -16.68
N ILE A 682 12.92 -12.88 -15.99
CA ILE A 682 13.63 -13.04 -14.72
C ILE A 682 12.64 -12.74 -13.59
N ARG A 683 12.05 -13.80 -13.03
CA ARG A 683 11.02 -13.72 -11.97
C ARG A 683 11.42 -12.90 -10.76
N ASN A 684 12.60 -13.15 -10.21
CA ASN A 684 12.99 -12.43 -9.00
C ASN A 684 13.50 -11.03 -9.26
N TYR A 685 13.64 -10.60 -10.52
CA TYR A 685 14.04 -9.22 -10.79
C TYR A 685 13.35 -8.66 -12.03
N PRO A 686 12.01 -8.60 -12.02
CA PRO A 686 11.31 -8.19 -13.23
C PRO A 686 11.53 -6.74 -13.55
N ALA A 687 11.15 -6.39 -14.77
CA ALA A 687 11.00 -5.02 -15.25
C ALA A 687 12.17 -4.10 -14.91
N THR A 688 13.37 -4.57 -14.63
CA THR A 688 14.49 -3.62 -14.47
C THR A 688 15.60 -3.90 -15.48
N VAL A 689 16.56 -2.98 -15.54
CA VAL A 689 17.79 -3.24 -16.28
C VAL A 689 18.57 -4.38 -15.64
N HIS A 690 18.92 -4.24 -14.36
CA HIS A 690 19.74 -5.28 -13.72
C HIS A 690 19.09 -6.66 -13.87
N GLY A 691 17.76 -6.70 -14.02
CA GLY A 691 17.10 -7.98 -14.23
C GLY A 691 17.33 -8.52 -15.63
N ALA A 692 17.18 -7.66 -16.64
CA ALA A 692 17.51 -8.03 -18.01
C ALA A 692 18.94 -8.59 -18.06
N LEU A 693 19.91 -7.76 -17.68
CA LEU A 693 21.29 -8.17 -17.46
C LEU A 693 21.38 -9.56 -16.85
N LEU A 694 20.69 -9.77 -15.74
CA LEU A 694 20.78 -11.07 -15.08
C LEU A 694 20.24 -12.16 -15.97
N SER A 695 19.12 -11.91 -16.66
CA SER A 695 18.53 -12.93 -17.50
C SER A 695 19.48 -13.31 -18.63
N GLY A 696 20.21 -12.33 -19.16
CA GLY A 696 21.14 -12.61 -20.24
C GLY A 696 22.29 -13.48 -19.78
N LEU A 697 22.89 -13.14 -18.63
CA LEU A 697 23.86 -14.01 -17.98
C LEU A 697 23.31 -15.42 -17.81
N ARG A 698 22.05 -15.52 -17.39
CA ARG A 698 21.41 -16.80 -17.21
C ARG A 698 21.40 -17.60 -18.51
N GLU A 699 20.65 -17.13 -19.52
CA GLU A 699 20.55 -17.92 -20.75
C GLU A 699 21.92 -18.27 -21.29
N ALA A 700 22.84 -17.30 -21.35
CA ALA A 700 24.18 -17.58 -21.87
C ALA A 700 24.81 -18.79 -21.20
N GLY A 701 24.70 -18.88 -19.88
CA GLY A 701 25.19 -20.08 -19.23
C GLY A 701 24.41 -21.31 -19.62
N ARG A 702 23.09 -21.17 -19.75
CA ARG A 702 22.29 -22.34 -20.03
C ARG A 702 22.59 -22.88 -21.43
N ILE A 703 22.69 -21.96 -22.41
CA ILE A 703 23.07 -22.33 -23.78
C ILE A 703 24.42 -23.05 -23.78
N ALA A 704 25.47 -22.37 -23.30
CA ALA A 704 26.79 -22.99 -23.22
C ALA A 704 26.73 -24.37 -22.58
N ASP A 705 25.95 -24.51 -21.50
CA ASP A 705 25.81 -25.83 -20.88
C ASP A 705 25.22 -26.85 -21.86
N GLN A 706 24.27 -26.43 -22.70
CA GLN A 706 23.64 -27.35 -23.64
C GLN A 706 24.50 -27.62 -24.87
N PHE A 707 25.46 -26.75 -25.18
CA PHE A 707 26.20 -26.84 -26.44
C PHE A 707 27.69 -26.99 -26.27
N LEU A 708 28.29 -26.53 -25.18
CA LEU A 708 29.68 -26.84 -24.92
C LEU A 708 29.85 -27.87 -23.83
N GLY A 709 28.76 -28.36 -23.23
CA GLY A 709 28.84 -29.31 -22.15
C GLY A 709 29.40 -28.71 -20.86
N ALA A 710 29.10 -29.35 -19.75
CA ALA A 710 29.49 -28.82 -18.45
C ALA A 710 30.47 -29.78 -17.80
N MET A 711 31.77 -29.57 -18.05
CA MET A 711 32.78 -30.40 -17.42
C MET A 711 32.68 -30.38 -15.89
N TYR A 712 32.15 -29.29 -15.34
CA TYR A 712 32.14 -29.06 -13.90
C TYR A 712 31.03 -29.85 -13.14
N THR A 713 30.30 -30.76 -13.79
CA THR A 713 29.21 -31.41 -13.08
C THR A 713 29.50 -32.84 -12.61
N LEU A 714 30.59 -33.46 -13.09
CA LEU A 714 30.97 -34.81 -12.62
C LEU A 714 31.45 -34.84 -11.16
N PRO B 7 0.90 -0.33 7.94
CA PRO B 7 0.49 -1.27 9.01
C PRO B 7 -0.74 -0.66 9.72
N LYS B 8 -0.91 -0.92 11.03
CA LYS B 8 -2.07 -0.54 11.84
C LYS B 8 -3.30 -1.16 11.19
N GLY B 9 -3.32 -2.50 11.10
CA GLY B 9 -4.33 -3.25 10.35
C GLY B 9 -5.68 -2.58 10.41
N MET B 10 -6.11 -2.04 9.27
CA MET B 10 -7.43 -1.36 9.18
C MET B 10 -8.47 -2.23 9.87
N PHE B 11 -9.49 -1.60 10.40
CA PHE B 11 -10.79 -2.18 10.74
C PHE B 11 -11.18 -2.99 9.51
N LEU B 12 -11.10 -4.32 9.62
CA LEU B 12 -11.40 -5.25 8.51
C LEU B 12 -11.97 -6.55 9.06
N SER B 13 -13.29 -6.68 9.03
CA SER B 13 -13.94 -7.92 9.40
C SER B 13 -14.17 -8.78 8.16
N GLN B 14 -14.33 -10.08 8.39
CA GLN B 14 -14.80 -10.96 7.32
C GLN B 14 -16.18 -10.53 6.83
N GLU B 15 -17.13 -10.40 7.76
CA GLU B 15 -18.53 -10.16 7.41
C GLU B 15 -18.70 -8.94 6.51
N ASP B 16 -17.97 -7.85 6.80
CA ASP B 16 -18.15 -6.61 6.06
C ASP B 16 -17.78 -6.73 4.59
N VAL B 17 -16.92 -7.67 4.23
CA VAL B 17 -16.24 -7.63 2.92
C VAL B 17 -17.23 -7.85 1.78
N GLU B 18 -17.88 -9.02 1.75
CA GLU B 18 -18.75 -9.31 0.62
C GLU B 18 -20.00 -8.45 0.61
N ALA B 19 -20.32 -7.76 1.73
CA ALA B 19 -21.39 -6.79 1.76
C ALA B 19 -21.10 -5.54 0.93
N VAL B 20 -19.84 -5.36 0.52
CA VAL B 20 -19.44 -4.28 -0.38
C VAL B 20 -19.08 -4.80 -1.77
N SER B 21 -18.83 -6.10 -1.91
CA SER B 21 -18.43 -6.71 -3.16
C SER B 21 -19.54 -7.49 -3.83
N ALA B 22 -20.69 -7.68 -3.17
CA ALA B 22 -21.74 -8.56 -3.66
C ALA B 22 -22.10 -8.25 -5.11
N ASN B 23 -22.24 -6.96 -5.43
CA ASN B 23 -22.46 -6.55 -6.81
C ASN B 23 -21.67 -5.27 -7.07
N ALA B 24 -21.91 -4.68 -8.24
CA ALA B 24 -21.13 -3.52 -8.68
C ALA B 24 -21.25 -2.37 -7.69
N THR B 25 -22.48 -2.01 -7.34
CA THR B 25 -22.74 -0.86 -6.49
C THR B 25 -23.35 -1.23 -5.14
N ALA B 26 -23.15 -2.47 -4.66
CA ALA B 26 -23.47 -2.81 -3.27
C ALA B 26 -22.58 -2.02 -2.31
N ALA B 27 -21.49 -1.46 -2.83
CA ALA B 27 -20.69 -0.51 -2.08
C ALA B 27 -21.49 0.75 -1.77
N THR B 28 -21.95 1.45 -2.80
CA THR B 28 -22.77 2.64 -2.61
C THR B 28 -24.19 2.31 -2.15
N THR B 29 -24.55 1.03 -2.04
CA THR B 29 -25.82 0.67 -1.42
C THR B 29 -25.77 0.90 0.09
N VAL B 30 -24.84 0.23 0.76
CA VAL B 30 -24.81 0.30 2.21
C VAL B 30 -24.32 1.67 2.67
N LEU B 31 -23.40 2.28 1.93
CA LEU B 31 -22.95 3.62 2.30
C LEU B 31 -24.10 4.63 2.28
N ARG B 32 -25.00 4.53 1.30
CA ARG B 32 -26.20 5.38 1.28
C ARG B 32 -27.26 4.93 2.26
N GLN B 33 -27.21 3.68 2.72
CA GLN B 33 -28.12 3.28 3.79
C GLN B 33 -27.75 3.94 5.10
N LEU B 34 -26.45 4.01 5.39
CA LEU B 34 -26.00 4.71 6.58
C LEU B 34 -26.20 6.22 6.45
N ASP B 35 -25.87 6.78 5.28
CA ASP B 35 -26.00 8.22 5.08
C ASP B 35 -27.40 8.71 5.43
N MET B 36 -28.43 7.92 5.11
CA MET B 36 -29.79 8.31 5.45
C MET B 36 -30.15 7.92 6.87
N GLU B 37 -29.58 6.83 7.39
CA GLU B 37 -29.77 6.47 8.78
C GLU B 37 -29.30 7.60 9.70
N LEU B 38 -28.13 8.17 9.43
CA LEU B 38 -27.64 9.30 10.22
C LEU B 38 -28.60 10.49 10.13
N VAL B 39 -29.01 10.86 8.91
CA VAL B 39 -30.03 11.90 8.76
C VAL B 39 -31.24 11.59 9.62
N SER B 40 -31.66 10.32 9.65
CA SER B 40 -32.87 9.93 10.38
C SER B 40 -32.75 10.24 11.86
N VAL B 41 -31.66 9.80 12.48
CA VAL B 41 -31.49 10.05 13.90
C VAL B 41 -31.14 11.52 14.15
N LYS B 42 -30.33 12.11 13.27
CA LYS B 42 -29.90 13.48 13.46
C LYS B 42 -31.08 14.42 13.58
N ARG B 43 -32.07 14.29 12.70
CA ARG B 43 -33.21 15.18 12.84
C ARG B 43 -34.18 14.70 13.92
N GLN B 44 -34.09 13.44 14.33
CA GLN B 44 -34.77 13.02 15.54
C GLN B 44 -34.22 13.78 16.76
N ILE B 45 -32.89 13.88 16.88
CA ILE B 45 -32.31 14.68 17.96
C ILE B 45 -32.94 16.06 18.00
N GLN B 46 -32.95 16.77 16.85
CA GLN B 46 -33.56 18.10 16.78
C GLN B 46 -35.00 18.08 17.25
N ASN B 47 -35.71 16.97 17.05
CA ASN B 47 -37.06 16.80 17.56
C ASN B 47 -37.09 16.82 19.09
N ILE B 48 -36.43 15.85 19.72
CA ILE B 48 -36.41 15.80 21.18
C ILE B 48 -35.62 16.96 21.79
N LYS B 49 -34.67 17.52 21.05
CA LYS B 49 -33.98 18.72 21.51
C LYS B 49 -34.95 19.90 21.61
N GLN B 50 -36.06 19.88 20.86
CA GLN B 50 -37.06 20.93 20.98
C GLN B 50 -38.19 20.55 21.95
N THR B 51 -38.69 19.33 21.88
CA THR B 51 -39.59 18.83 22.92
C THR B 51 -39.02 19.15 24.29
N ASN B 52 -37.74 18.81 24.52
CA ASN B 52 -37.12 19.10 25.80
C ASN B 52 -36.97 20.60 26.02
N SER B 53 -36.81 21.37 24.96
CA SER B 53 -36.74 22.82 25.17
C SER B 53 -38.06 23.37 25.68
N ALA B 54 -39.18 22.77 25.26
CA ALA B 54 -40.49 23.23 25.76
C ALA B 54 -40.66 22.88 27.22
N LEU B 55 -40.36 21.64 27.60
CA LEU B 55 -40.42 21.27 29.01
C LEU B 55 -39.53 22.14 29.87
N LYS B 56 -38.34 22.50 29.35
CA LYS B 56 -37.42 23.30 30.14
C LYS B 56 -38.02 24.66 30.47
N GLU B 57 -38.82 25.23 29.57
CA GLU B 57 -39.42 26.53 29.81
C GLU B 57 -40.59 26.46 30.78
N LYS B 58 -41.45 25.44 30.64
CA LYS B 58 -42.54 25.23 31.59
C LYS B 58 -42.05 25.17 33.03
N LEU B 59 -40.82 24.68 33.24
CA LEU B 59 -40.25 24.63 34.59
C LEU B 59 -39.55 25.92 34.98
N ASP B 60 -39.97 27.06 34.43
CA ASP B 60 -39.37 28.32 34.83
C ASP B 60 -39.79 28.69 36.25
N GLY B 61 -38.93 29.45 36.93
CA GLY B 61 -39.10 29.76 38.33
C GLY B 61 -38.61 28.67 39.26
N GLY B 62 -38.46 27.44 38.78
CA GLY B 62 -38.12 26.39 39.70
C GLY B 62 -39.26 26.17 40.67
N ILE B 63 -38.90 25.77 41.88
CA ILE B 63 -39.90 25.61 42.94
C ILE B 63 -39.65 26.64 44.03
N GLU B 64 -39.13 27.82 43.64
CA GLU B 64 -38.75 28.80 44.66
C GLU B 64 -39.95 29.43 45.34
N PRO B 65 -41.00 29.88 44.65
CA PRO B 65 -42.17 30.43 45.35
C PRO B 65 -42.82 29.43 46.30
N TYR B 66 -42.46 28.16 46.24
CA TYR B 66 -43.23 27.09 46.84
C TYR B 66 -42.51 26.42 48.01
N ARG B 67 -41.27 26.81 48.30
CA ARG B 67 -40.55 26.18 49.41
C ARG B 67 -40.90 26.89 50.71
N LEU B 68 -41.30 26.10 51.68
CA LEU B 68 -41.64 26.64 52.97
C LEU B 68 -40.44 26.51 53.90
N PRO B 69 -40.01 27.60 54.55
CA PRO B 69 -38.93 27.49 55.54
C PRO B 69 -39.18 26.33 56.48
N GLU B 70 -38.23 25.41 56.56
CA GLU B 70 -38.38 24.25 57.42
C GLU B 70 -37.98 24.59 58.85
N VAL B 71 -38.76 24.10 59.81
CA VAL B 71 -38.58 24.47 61.20
C VAL B 71 -37.49 23.61 61.81
N ILE B 72 -36.44 24.26 62.31
CA ILE B 72 -35.37 23.58 63.04
C ILE B 72 -35.72 23.64 64.52
N GLN B 73 -36.05 22.49 65.12
CA GLN B 73 -36.50 22.51 66.50
C GLN B 73 -36.07 21.24 67.21
N LYS B 74 -35.72 21.38 68.49
CA LYS B 74 -35.09 20.31 69.26
C LYS B 74 -36.08 19.18 69.55
N CYS B 75 -35.56 17.96 69.63
CA CYS B 75 -36.37 16.81 69.97
C CYS B 75 -36.57 16.72 71.48
N ASN B 76 -37.81 16.46 71.90
CA ASN B 76 -38.13 16.28 73.32
C ASN B 76 -38.46 14.83 73.60
N ALA B 77 -38.56 14.52 74.89
CA ALA B 77 -38.78 13.15 75.36
C ALA B 77 -40.27 12.87 75.56
N ARG B 78 -40.92 13.65 76.41
CA ARG B 78 -42.29 13.35 76.82
C ARG B 78 -43.28 13.60 75.68
N TRP B 79 -44.47 13.04 75.86
CA TRP B 79 -45.54 13.10 74.87
C TRP B 79 -46.65 14.00 75.39
N THR B 80 -46.65 15.25 74.96
CA THR B 80 -47.83 16.08 75.14
C THR B 80 -48.98 15.41 74.39
N THR B 81 -50.18 15.42 74.99
CA THR B 81 -51.33 14.76 74.36
C THR B 81 -51.51 15.23 72.93
N GLU B 82 -51.08 16.45 72.62
CA GLU B 82 -51.04 16.93 71.25
C GLU B 82 -50.22 15.98 70.37
N GLU B 83 -48.94 15.78 70.72
CA GLU B 83 -48.06 14.95 69.90
C GLU B 83 -48.57 13.51 69.83
N GLN B 84 -49.13 13.00 70.93
CA GLN B 84 -49.83 11.72 70.85
C GLN B 84 -50.84 11.73 69.72
N LEU B 85 -51.61 12.82 69.62
CA LEU B 85 -52.72 12.86 68.69
C LEU B 85 -52.28 13.15 67.27
N LEU B 86 -51.25 13.97 67.08
CA LEU B 86 -50.60 14.03 65.77
C LEU B 86 -50.18 12.64 65.31
N ALA B 87 -49.57 11.87 66.20
CA ALA B 87 -49.13 10.52 65.88
C ALA B 87 -50.27 9.69 65.30
N VAL B 88 -51.33 9.51 66.08
CA VAL B 88 -52.39 8.59 65.63
C VAL B 88 -52.91 8.98 64.26
N GLN B 89 -52.96 10.27 63.94
CA GLN B 89 -53.41 10.61 62.59
C GLN B 89 -52.30 10.45 61.57
N ALA B 90 -51.04 10.61 61.98
CA ALA B 90 -49.92 10.34 61.06
C ALA B 90 -49.85 8.86 60.73
N ILE B 91 -50.11 8.00 61.70
CA ILE B 91 -50.15 6.56 61.43
C ILE B 91 -51.30 6.24 60.49
N ARG B 92 -52.45 6.91 60.64
CA ARG B 92 -53.59 6.64 59.77
C ARG B 92 -53.32 7.08 58.33
N LYS B 93 -52.38 7.99 58.13
CA LYS B 93 -52.10 8.52 56.82
C LYS B 93 -50.80 8.01 56.23
N TYR B 94 -49.88 7.54 57.06
CA TYR B 94 -48.56 7.16 56.59
C TYR B 94 -48.16 5.71 56.84
N GLY B 95 -48.95 4.94 57.57
CA GLY B 95 -48.64 3.53 57.75
C GLY B 95 -47.50 3.26 58.71
N ARG B 96 -46.40 2.67 58.23
CA ARG B 96 -45.22 2.45 59.05
C ARG B 96 -44.06 3.37 58.68
N ASP B 97 -44.24 4.28 57.72
CA ASP B 97 -43.19 5.24 57.42
C ASP B 97 -43.16 5.58 58.90
N PHE B 98 -41.99 5.53 59.52
CA PHE B 98 -41.64 6.21 60.78
C PHE B 98 -40.89 7.50 60.51
N GLN B 99 -40.21 7.60 59.39
CA GLN B 99 -39.55 8.85 59.06
C GLN B 99 -40.57 9.97 58.97
N ALA B 100 -41.55 9.81 58.07
CA ALA B 100 -42.60 10.80 57.89
C ALA B 100 -43.26 11.16 59.21
N ILE B 101 -43.70 10.15 59.96
CA ILE B 101 -44.33 10.40 61.25
C ILE B 101 -43.43 11.22 62.14
N SER B 102 -42.11 11.11 61.96
CA SER B 102 -41.22 11.92 62.77
C SER B 102 -41.14 13.36 62.31
N ASP B 103 -41.27 13.65 61.00
CA ASP B 103 -41.27 15.06 60.63
C ASP B 103 -42.59 15.74 60.97
N VAL B 104 -43.70 15.02 60.79
CA VAL B 104 -45.00 15.58 61.14
C VAL B 104 -45.04 15.95 62.61
N ILE B 105 -44.66 15.00 63.47
CA ILE B 105 -44.73 15.27 64.90
C ILE B 105 -43.72 16.35 65.28
N GLY B 106 -42.55 16.33 64.65
CA GLY B 106 -41.74 17.53 64.69
C GLY B 106 -40.63 17.49 65.71
N ASN B 107 -40.93 17.10 66.96
CA ASN B 107 -39.93 17.06 68.02
C ASN B 107 -39.67 15.65 68.54
N LYS B 108 -40.05 14.64 67.79
CA LYS B 108 -39.73 13.26 68.11
C LYS B 108 -38.81 12.73 67.02
N SER B 109 -37.74 12.06 67.43
CA SER B 109 -36.88 11.36 66.47
C SER B 109 -37.60 10.11 65.97
N VAL B 110 -36.91 9.26 65.20
CA VAL B 110 -37.58 8.14 64.55
C VAL B 110 -37.76 6.94 65.48
N VAL B 111 -37.12 6.94 66.64
CA VAL B 111 -37.09 5.74 67.47
C VAL B 111 -38.22 5.73 68.49
N GLN B 112 -38.39 6.83 69.26
CA GLN B 112 -39.55 6.90 70.13
C GLN B 112 -40.84 6.91 69.33
N VAL B 113 -40.79 7.29 68.05
CA VAL B 113 -41.88 6.92 67.13
C VAL B 113 -42.16 5.43 67.24
N LYS B 114 -41.14 4.61 66.98
CA LYS B 114 -41.29 3.16 67.13
C LYS B 114 -41.81 2.79 68.51
N ASN B 115 -41.14 3.29 69.56
CA ASN B 115 -41.57 3.10 70.94
C ASN B 115 -43.07 3.29 71.08
N PHE B 116 -43.56 4.41 70.53
CA PHE B 116 -44.97 4.74 70.57
C PHE B 116 -45.84 3.55 70.14
N PHE B 117 -45.46 2.91 69.03
CA PHE B 117 -46.26 1.83 68.46
C PHE B 117 -46.50 0.69 69.42
N VAL B 118 -45.68 0.57 70.46
CA VAL B 118 -45.74 -0.57 71.37
C VAL B 118 -46.29 -0.17 72.73
N ASN B 119 -45.86 0.97 73.27
CA ASN B 119 -46.38 1.39 74.56
C ASN B 119 -47.86 1.71 74.47
N TYR B 120 -48.23 2.59 73.54
CA TYR B 120 -49.61 2.97 73.32
C TYR B 120 -50.32 2.04 72.33
N ARG B 121 -49.72 0.88 72.08
CA ARG B 121 -50.33 -0.12 71.21
C ARG B 121 -51.79 -0.38 71.58
N ARG B 122 -52.03 -0.72 72.84
CA ARG B 122 -53.37 -1.10 73.27
C ARG B 122 -54.29 0.10 73.32
N ARG B 123 -53.79 1.24 73.81
CA ARG B 123 -54.64 2.36 74.19
C ARG B 123 -55.13 3.14 72.97
N PHE B 124 -54.27 3.27 71.97
CA PHE B 124 -54.60 3.95 70.73
C PHE B 124 -54.92 2.99 69.60
N ASN B 125 -55.09 1.71 69.93
CA ASN B 125 -55.60 0.69 69.02
C ASN B 125 -54.89 0.73 67.68
N ILE B 126 -53.55 0.85 67.73
CA ILE B 126 -52.74 1.00 66.51
C ILE B 126 -53.07 -0.11 65.53
N ASP B 127 -53.41 -1.29 66.05
CA ASP B 127 -53.80 -2.41 65.19
C ASP B 127 -54.91 -2.00 64.24
N GLU B 128 -56.01 -1.47 64.78
CA GLU B 128 -57.08 -1.03 63.90
C GLU B 128 -56.62 0.11 63.01
N VAL B 129 -55.84 1.04 63.55
CA VAL B 129 -55.39 2.18 62.76
C VAL B 129 -54.60 1.71 61.55
N LEU B 130 -53.74 0.72 61.76
CA LEU B 130 -52.83 0.32 60.69
C LEU B 130 -53.52 -0.55 59.65
N GLN B 131 -54.34 -1.52 60.09
CA GLN B 131 -55.18 -2.25 59.15
C GLN B 131 -56.12 -1.30 58.42
N GLU B 132 -56.49 -0.20 59.07
CA GLU B 132 -57.23 0.84 58.36
C GLU B 132 -56.38 1.50 57.30
N TRP B 133 -55.07 1.66 57.55
CA TRP B 133 -54.19 2.28 56.57
C TRP B 133 -53.92 1.35 55.38
N GLU B 134 -53.84 0.04 55.64
CA GLU B 134 -53.54 -0.90 54.57
C GLU B 134 -54.65 -0.91 53.53
N ALA B 135 -55.91 -0.95 53.96
CA ALA B 135 -56.98 -0.56 53.06
C ALA B 135 -56.64 0.84 52.58
N GLU B 136 -56.42 1.01 51.27
CA GLU B 136 -55.82 2.20 50.57
C GLU B 136 -54.36 1.88 50.19
N ALA C 1 7.79 -3.30 -10.69
CA ALA C 1 7.01 -3.67 -9.52
C ALA C 1 7.31 -2.71 -8.38
N ARG C 2 6.98 -3.10 -7.13
CA ARG C 2 7.28 -2.23 -6.00
C ARG C 2 8.76 -1.90 -5.97
N THR C 3 9.61 -2.88 -6.25
CA THR C 3 11.06 -2.73 -6.20
C THR C 3 11.36 -1.38 -6.80
N MET C 4 10.65 -1.03 -7.88
CA MET C 4 10.96 -0.04 -8.88
C MET C 4 10.89 1.39 -8.36
N GLN C 5 10.24 1.61 -7.20
CA GLN C 5 9.97 2.96 -6.72
C GLN C 5 11.21 3.62 -6.13
N THR C 6 11.44 4.87 -6.49
CA THR C 6 12.39 5.72 -5.79
C THR C 6 11.68 6.69 -4.86
N ALA C 7 10.75 7.48 -5.41
CA ALA C 7 10.05 8.54 -4.69
C ALA C 7 8.98 7.95 -3.79
N ARG C 8 9.01 8.29 -2.51
CA ARG C 8 7.91 7.89 -1.60
C ARG C 8 7.67 6.40 -1.74
N LYS C 9 8.72 5.64 -1.57
CA LYS C 9 8.58 4.18 -1.69
C LYS C 9 7.42 3.73 -0.84
N SER C 10 6.55 2.93 -1.41
CA SER C 10 5.42 2.36 -0.66
C SER C 10 5.73 1.17 0.23
N THR C 11 5.26 1.22 1.47
CA THR C 11 5.55 0.14 2.43
C THR C 11 4.43 -0.80 2.81
N GLY C 12 3.20 -0.32 2.79
CA GLY C 12 2.18 -1.24 3.27
C GLY C 12 2.20 -2.54 2.48
N GLY C 13 1.98 -3.64 3.19
CA GLY C 13 1.96 -4.96 2.59
C GLY C 13 3.32 -5.56 2.36
N LYS C 14 4.40 -4.80 2.56
CA LYS C 14 5.74 -5.34 2.48
C LYS C 14 6.12 -5.98 3.81
N ALA C 15 6.98 -7.01 3.73
CA ALA C 15 7.42 -7.71 4.94
C ALA C 15 8.80 -7.22 5.36
N PRO C 16 8.92 -6.30 6.35
CA PRO C 16 10.18 -5.62 6.72
C PRO C 16 11.37 -6.57 6.95
PA FAD D . 15.11 -4.28 -24.54
O1A FAD D . 13.90 -3.70 -25.16
O2A FAD D . 16.20 -3.46 -23.81
O5B FAD D . 15.88 -5.06 -25.68
C5B FAD D . 15.15 -5.71 -26.76
C4B FAD D . 15.78 -5.31 -28.07
O4B FAD D . 15.14 -6.03 -29.14
C3B FAD D . 15.66 -3.81 -28.41
O3B FAD D . 16.92 -3.24 -28.74
C2B FAD D . 14.65 -3.80 -29.57
O2B FAD D . 14.80 -2.74 -30.50
C1B FAD D . 14.99 -5.13 -30.22
N9A FAD D . 13.98 -5.64 -31.13
C8A FAD D . 12.62 -5.62 -30.95
N7A FAD D . 11.93 -6.16 -31.94
C5A FAD D . 12.92 -6.56 -32.83
C6A FAD D . 12.87 -7.22 -34.06
N6A FAD D . 11.73 -7.59 -34.66
N1A FAD D . 14.03 -7.49 -34.69
C2A FAD D . 15.18 -7.14 -34.10
N3A FAD D . 15.36 -6.51 -32.93
C4A FAD D . 14.18 -6.26 -32.34
N1 FAD D . 14.74 -0.12 -15.33
C2 FAD D . 15.51 0.21 -14.25
O2 FAD D . 16.18 -0.64 -13.64
N3 FAD D . 15.52 1.51 -13.80
C4 FAD D . 14.85 2.58 -14.37
O4 FAD D . 14.94 3.71 -13.87
C4X FAD D . 14.03 2.22 -15.50
N5 FAD D . 13.37 3.16 -16.11
C5X FAD D . 12.61 2.82 -17.22
C6 FAD D . 11.89 3.82 -17.87
C7 FAD D . 11.11 3.53 -19.00
C7M FAD D . 10.34 4.63 -19.67
C8 FAD D . 11.06 2.21 -19.48
C8M FAD D . 10.25 1.88 -20.71
C9 FAD D . 11.79 1.21 -18.84
C9A FAD D . 12.56 1.51 -17.72
N10 FAD D . 13.31 0.52 -17.05
C10 FAD D . 14.06 0.84 -15.93
C1' FAD D . 13.28 -0.88 -17.50
C2' FAD D . 14.45 -1.24 -18.40
O2' FAD D . 14.62 -0.20 -19.37
C3' FAD D . 14.14 -2.57 -19.10
O3' FAD D . 13.64 -3.49 -18.14
C4' FAD D . 15.29 -3.22 -19.88
O4' FAD D . 16.08 -2.23 -20.54
C5' FAD D . 14.75 -4.20 -20.91
O5' FAD D . 15.84 -4.98 -21.43
P FAD D . 15.57 -6.17 -22.44
O1P FAD D . 17.01 -6.47 -22.88
O2P FAD D . 14.83 -7.40 -21.96
O3P FAD D . 14.71 -5.47 -23.59
#